data_4ZOH
#
_entry.id   4ZOH
#
_cell.length_a   143.431
_cell.length_b   143.431
_cell.length_c   235.509
_cell.angle_alpha   90.00
_cell.angle_beta   90.00
_cell.angle_gamma   120.00
#
_symmetry.space_group_name_H-M   'P 65 2 2'
#
loop_
_entity.id
_entity.type
_entity.pdbx_description
1 polymer 'Putative oxidoreductase molybdopterin-binding subunit'
2 polymer 'Putative oxidoreductase FAD-binding subunit'
3 polymer 'Putative oxidoreductase iron-sulfur subunit'
4 non-polymer 'PTERIN CYTOSINE DINUCLEOTIDE'
5 non-polymer 'MOLYBDENUM ATOM'
6 non-polymer 'PENTAETHYLENE GLYCOL'
7 non-polymer DI(HYDROXYETHYL)ETHER
8 non-polymer 'FLAVIN-ADENINE DINUCLEOTIDE'
9 non-polymer 'TETRAETHYLENE GLYCOL'
10 non-polymer 'ACETIC ACID'
11 non-polymer 'FE2/S2 (INORGANIC) CLUSTER'
12 water water
#
loop_
_entity_poly.entity_id
_entity_poly.type
_entity_poly.pdbx_seq_one_letter_code
_entity_poly.pdbx_strand_id
1 'polypeptide(L)'
;MYIGKPIKRIEDLRLITGKGAYVDDIELPGTLFVAFVRSKYPHARIKVKKEEGIFTGEDINPGKDFPIATKETTYVGQPI
AIVIAKDRYEAYDLIESVEVEYEELDYVLDPEKALEDKVKVHSGLSSNIYYHERWKGGDVEKAFKEADLTISDTLINQRV
IASPLETRGALAYFDGNKLTFYSSTQSAHYLRRNLVDFLGFENIRVIQPDVGGAFGSKIIAHPEEYALAKLALMLRKPLK
WVPTRTEEFISAGHGRDKKLKFEVAVKKDGTILGIRGTLIANLGAPYPDANDDESGNVKSTVRMLPGIYKIIGADIDAYA
VHTNITPTQSYRGAGRPEGIYFIERIVNIVADELGIDQYEIRLKNAIDTLPYTNIFGVTYDSGNVKKLLEIGKKYYDELK
KEDGCVGVSSYIEITAFGPWEVARISVKYDGKITLVTGTGPHGQGDATAFAQIAADVLELPIEKIEVRWGDTEIIEDGIG
TWGSRTVTIGGSAVLLASQKLKDKLIEIGAKILNADKEEVEYKEGNVTHKKNGNKVTFNEIVKNAFKMGESLDTTAIYNV
KQPPTTPYGVHLALVKVDGTGKVFVKKYVAVDDVGTVINPLLAEGQAIGGIVQGMAQALLEGAFFDENGQLLTTNFQDYP
IPTAVEIPEKIDWYYEILGKSPHPTGSKGIGEAGAIAATPTIINAVEQCIKKRITKMPVKFEELVS
;
A
2 'polypeptide(L)'
;MYPPKFGYVIPDNLNEALEFLEEHQDARPLAGGHSLIPMLKLRLIRPSYIVEIRRFSNLSYITKDGNLYKIGALTTHYNI
SKSSIPLLSETASNIGDPQVRNMGTIGGSISHLDPSADYPAALIAMDAKVKITSRKGDRVVNFKSFAKDMFTPDLNPGEL
VTEIQVPTFEGYKFSYQKLERRAGDFAIVGVALLLKLSGDVIEDVRIGLTAVNNVAVRAKGAEEELLGKRLNDEIIEKAA
TRAMESANPTSDLRGSAEYKKKMVKVLTKRAIITALKR
;
B
3 'polypeptide(L)'
;MKIINSDQKVKITLKINGEKYETEVEPRRLLVHVLRELGFTGVHIGCDTSNCGACTVIMNGKSVKSCTVLAVEADGAEIL
TVEGLAKDGKLHPIQEAFWENHALQCGYCTPGMIMEAYWLLREKPNPTEEEIREGISGNLCRCTGYQNIVKAIKAAAEKL
SQTPYQHQ
;
C
#
# COMPACT_ATOMS: atom_id res chain seq x y z
N MET A 1 32.39 11.48 -12.80
CA MET A 1 31.03 11.92 -12.99
C MET A 1 30.02 11.23 -12.03
N TYR A 2 28.98 11.95 -11.62
CA TYR A 2 27.89 11.34 -10.82
C TYR A 2 26.77 10.69 -11.61
N ILE A 3 26.46 11.21 -12.79
CA ILE A 3 25.40 10.58 -13.65
C ILE A 3 25.85 9.13 -13.98
N GLY A 4 24.99 8.15 -13.70
CA GLY A 4 25.23 6.77 -14.05
C GLY A 4 25.68 6.03 -12.82
N LYS A 5 26.00 6.75 -11.75
CA LYS A 5 26.39 6.06 -10.51
C LYS A 5 25.23 5.80 -9.57
N PRO A 6 25.32 4.65 -8.84
CA PRO A 6 24.28 4.37 -7.84
C PRO A 6 24.46 5.26 -6.62
N ILE A 7 24.32 6.58 -6.77
CA ILE A 7 24.47 7.53 -5.64
C ILE A 7 23.37 7.36 -4.60
N LYS A 8 23.75 7.22 -3.33
CA LYS A 8 22.72 6.99 -2.29
C LYS A 8 21.85 8.28 -2.08
N ARG A 9 20.65 8.15 -1.54
CA ARG A 9 19.64 9.27 -1.58
C ARG A 9 19.99 10.35 -0.61
N ILE A 10 20.10 11.55 -1.16
CA ILE A 10 20.14 12.75 -0.32
C ILE A 10 18.83 12.91 0.50
N GLU A 11 17.74 12.29 0.07
CA GLU A 11 16.43 12.46 0.76
C GLU A 11 16.40 11.67 2.07
N ASP A 12 17.29 10.66 2.26
CA ASP A 12 17.03 9.67 3.34
C ASP A 12 17.17 10.18 4.76
N LEU A 13 18.10 11.12 4.97
CA LEU A 13 18.49 11.48 6.35
C LEU A 13 17.32 11.97 7.19
N ARG A 14 16.53 12.90 6.64
CA ARG A 14 15.36 13.44 7.38
C ARG A 14 14.37 12.35 7.72
N LEU A 15 14.21 11.42 6.77
CA LEU A 15 13.13 10.46 6.82
C LEU A 15 13.45 9.26 7.70
N ILE A 16 14.72 8.82 7.75
CA ILE A 16 15.09 7.68 8.61
C ILE A 16 15.19 8.06 10.04
N THR A 17 15.27 9.35 10.29
CA THR A 17 15.34 9.95 11.65
C THR A 17 13.98 10.56 12.08
N GLY A 18 12.98 10.44 11.20
CA GLY A 18 11.61 10.83 11.60
C GLY A 18 11.43 12.31 11.70
N LYS A 19 12.23 13.02 10.94
CA LYS A 19 12.19 14.50 10.86
C LYS A 19 11.60 14.95 9.53
N GLY A 20 10.92 14.08 8.79
CA GLY A 20 10.03 14.63 7.75
C GLY A 20 8.93 15.59 8.28
N ALA A 21 8.15 16.11 7.34
CA ALA A 21 6.94 16.85 7.70
C ALA A 21 5.97 16.59 6.57
N TYR A 22 5.14 15.58 6.81
CA TYR A 22 4.04 15.27 5.90
C TYR A 22 2.87 16.19 6.35
N VAL A 23 1.80 16.26 5.55
CA VAL A 23 0.74 17.27 5.79
C VAL A 23 0.19 17.25 7.19
N ASP A 24 0.00 16.04 7.79
CA ASP A 24 -0.59 16.00 9.12
C ASP A 24 0.38 16.31 10.26
N ASP A 25 1.67 16.47 9.89
CA ASP A 25 2.68 16.90 10.84
C ASP A 25 2.71 18.42 10.97
N ILE A 26 1.87 19.11 10.18
CA ILE A 26 1.85 20.57 10.17
C ILE A 26 0.66 21.11 10.94
N GLU A 27 0.91 22.17 11.72
CA GLU A 27 -0.11 22.80 12.55
C GLU A 27 0.01 24.32 12.39
N LEU A 28 -1.12 25.02 12.46
CA LEU A 28 -1.09 26.46 12.58
C LEU A 28 -1.92 26.86 13.83
N PRO A 29 -1.76 28.09 14.34
CA PRO A 29 -2.53 28.53 15.55
C PRO A 29 -4.04 28.45 15.29
N GLY A 30 -4.80 27.91 16.23
CA GLY A 30 -6.25 27.72 16.11
C GLY A 30 -6.76 26.79 15.02
N THR A 31 -5.93 25.88 14.53
CA THR A 31 -6.33 24.95 13.47
C THR A 31 -7.56 24.16 13.89
N LEU A 32 -8.55 24.13 13.02
CA LEU A 32 -9.74 23.34 13.23
C LEU A 32 -9.68 22.04 12.37
N PHE A 33 -10.45 21.03 12.77
CA PHE A 33 -10.45 19.76 12.05
C PHE A 33 -11.73 19.60 11.26
N VAL A 34 -11.59 19.13 10.02
CA VAL A 34 -12.69 19.00 9.02
C VAL A 34 -12.88 17.52 8.67
N ALA A 35 -14.11 17.04 8.73
CA ALA A 35 -14.41 15.69 8.22
C ALA A 35 -15.60 15.80 7.27
N PHE A 36 -15.67 14.88 6.30
CA PHE A 36 -16.78 14.83 5.38
C PHE A 36 -17.76 13.71 5.69
N VAL A 37 -19.06 14.03 5.66
CA VAL A 37 -20.15 13.04 5.65
C VAL A 37 -20.22 12.54 4.22
N ARG A 38 -20.32 11.23 4.05
CA ARG A 38 -20.31 10.60 2.68
C ARG A 38 -21.59 9.80 2.39
N SER A 39 -21.97 9.70 1.11
CA SER A 39 -23.18 8.96 0.73
C SER A 39 -23.09 7.52 1.19
N LYS A 40 -24.13 7.07 1.86
CA LYS A 40 -24.22 5.62 2.10
C LYS A 40 -24.96 4.90 0.96
N TYR A 41 -25.37 5.63 -0.08
CA TYR A 41 -26.07 5.00 -1.22
C TYR A 41 -25.41 5.29 -2.55
N PRO A 42 -25.54 4.32 -3.50
CA PRO A 42 -24.95 4.53 -4.84
C PRO A 42 -25.57 5.64 -5.66
N HIS A 43 -26.87 5.86 -5.45
CA HIS A 43 -27.63 6.90 -6.23
C HIS A 43 -28.86 7.32 -5.45
N ALA A 44 -28.91 8.60 -5.10
CA ALA A 44 -29.95 9.13 -4.21
C ALA A 44 -30.09 10.61 -4.35
N ARG A 45 -31.32 11.06 -4.15
CA ARG A 45 -31.54 12.49 -3.87
C ARG A 45 -31.29 12.71 -2.42
N ILE A 46 -30.71 13.88 -2.13
CA ILE A 46 -30.33 14.20 -0.75
C ILE A 46 -30.82 15.57 -0.25
N LYS A 47 -31.15 15.61 1.04
CA LYS A 47 -31.35 16.88 1.80
C LYS A 47 -30.58 16.74 3.05
N VAL A 48 -29.78 17.75 3.30
CA VAL A 48 -28.96 17.77 4.47
C VAL A 48 -29.31 19.00 5.24
N LYS A 49 -29.62 18.84 6.51
CA LYS A 49 -29.90 19.97 7.37
C LYS A 49 -28.58 20.70 7.73
N LYS A 50 -28.44 21.94 7.19
CA LYS A 50 -27.34 22.86 7.56
C LYS A 50 -27.59 23.27 9.00
N GLU A 51 -26.53 23.19 9.81
CA GLU A 51 -26.56 23.35 11.30
C GLU A 51 -25.22 23.86 11.78
N GLU A 52 -25.12 24.25 13.05
CA GLU A 52 -23.89 24.81 13.57
C GLU A 52 -22.73 23.77 13.45
N GLY A 53 -21.69 24.11 12.67
CA GLY A 53 -20.53 23.24 12.47
C GLY A 53 -20.77 22.28 11.32
N ILE A 54 -21.93 22.42 10.63
CA ILE A 54 -22.36 21.52 9.54
C ILE A 54 -22.63 22.32 8.32
N PHE A 55 -21.81 22.06 7.29
CA PHE A 55 -21.86 22.71 5.98
C PHE A 55 -22.33 21.71 4.92
N THR A 56 -22.85 22.21 3.80
CA THR A 56 -23.38 21.27 2.82
C THR A 56 -22.81 21.65 1.49
N GLY A 57 -23.19 20.92 0.46
CA GLY A 57 -22.71 21.23 -0.85
C GLY A 57 -23.09 22.60 -1.30
N GLU A 58 -24.19 23.14 -0.77
CA GLU A 58 -24.65 24.51 -1.17
C GLU A 58 -23.67 25.57 -0.77
N ASP A 59 -22.95 25.31 0.32
CA ASP A 59 -21.88 26.20 0.75
C ASP A 59 -20.66 26.16 -0.14
N ILE A 60 -20.54 25.13 -0.97
CA ILE A 60 -19.38 24.92 -1.79
C ILE A 60 -19.58 25.17 -3.29
N ASN A 61 -20.61 24.57 -3.86
CA ASN A 61 -20.81 24.66 -5.29
C ASN A 61 -22.37 24.72 -5.55
N PRO A 62 -23.06 25.78 -5.00
CA PRO A 62 -24.53 25.92 -5.18
C PRO A 62 -24.90 25.73 -6.67
N GLY A 63 -25.93 24.94 -6.93
CA GLY A 63 -26.36 24.78 -8.32
C GLY A 63 -25.63 23.67 -9.02
N LYS A 64 -24.70 22.99 -8.34
CA LYS A 64 -23.98 21.85 -8.93
C LYS A 64 -23.90 20.67 -7.97
N ASP A 65 -23.65 19.50 -8.52
CA ASP A 65 -23.56 18.33 -7.66
C ASP A 65 -22.06 17.88 -7.54
N PHE A 66 -21.11 18.68 -8.02
CA PHE A 66 -19.64 18.38 -8.02
C PHE A 66 -18.98 19.74 -7.84
N PRO A 67 -17.91 19.84 -7.01
CA PRO A 67 -17.25 18.68 -6.32
C PRO A 67 -18.07 18.01 -5.23
N ILE A 68 -18.89 18.78 -4.52
CA ILE A 68 -19.70 18.21 -3.40
C ILE A 68 -21.17 18.03 -3.90
N ALA A 69 -21.84 16.90 -3.57
CA ALA A 69 -23.19 16.71 -4.04
C ALA A 69 -24.06 17.62 -3.20
N THR A 70 -25.01 18.28 -3.89
CA THR A 70 -26.05 19.19 -3.25
C THR A 70 -27.46 18.62 -3.25
N LYS A 71 -27.99 18.26 -4.44
CA LYS A 71 -29.30 17.54 -4.58
C LYS A 71 -29.23 16.05 -4.86
N GLU A 72 -28.13 15.62 -5.50
CA GLU A 72 -28.06 14.26 -5.98
C GLU A 72 -26.64 13.67 -5.85
N THR A 73 -26.55 12.60 -5.04
CA THR A 73 -25.33 11.85 -4.87
C THR A 73 -25.27 10.63 -5.81
N THR A 74 -24.11 10.44 -6.45
CA THR A 74 -23.85 9.43 -7.45
C THR A 74 -22.89 8.24 -7.13
N TYR A 75 -22.46 8.07 -5.87
CA TYR A 75 -21.63 6.90 -5.45
C TYR A 75 -21.53 6.86 -3.97
N VAL A 76 -21.59 5.66 -3.40
CA VAL A 76 -21.17 5.43 -2.02
C VAL A 76 -19.74 6.02 -1.85
N GLY A 77 -19.58 6.83 -0.80
CA GLY A 77 -18.32 7.50 -0.51
C GLY A 77 -18.28 8.95 -0.97
N GLN A 78 -19.29 9.39 -1.75
CA GLN A 78 -19.29 10.79 -2.19
C GLN A 78 -19.53 11.72 -0.99
N PRO A 79 -18.70 12.77 -0.88
CA PRO A 79 -19.03 13.80 0.13
C PRO A 79 -20.39 14.52 -0.13
N ILE A 80 -21.20 14.52 0.92
CA ILE A 80 -22.52 15.14 0.90
C ILE A 80 -22.69 16.26 1.95
N ALA A 81 -21.75 16.32 2.88
CA ALA A 81 -21.77 17.32 3.96
C ALA A 81 -20.35 17.46 4.53
N ILE A 82 -20.08 18.59 5.19
CA ILE A 82 -18.75 18.87 5.80
C ILE A 82 -18.98 19.29 7.25
N VAL A 83 -18.32 18.62 8.21
CA VAL A 83 -18.42 19.06 9.55
C VAL A 83 -17.08 19.69 9.95
N ILE A 84 -17.17 20.66 10.89
CA ILE A 84 -15.98 21.36 11.47
C ILE A 84 -15.99 21.28 13.00
N ALA A 85 -14.88 20.86 13.60
CA ALA A 85 -14.84 20.81 15.06
C ALA A 85 -13.43 21.16 15.58
N LYS A 86 -13.31 21.20 16.89
CA LYS A 86 -12.10 21.60 17.58
C LYS A 86 -10.99 20.65 17.32
N ASP A 87 -11.29 19.35 17.18
CA ASP A 87 -10.28 18.31 16.83
C ASP A 87 -10.90 17.10 16.16
N ARG A 88 -10.07 16.17 15.69
CA ARG A 88 -10.54 15.03 14.90
C ARG A 88 -11.55 14.14 15.63
N TYR A 89 -11.38 13.95 16.94
CA TYR A 89 -12.23 13.09 17.72
C TYR A 89 -13.62 13.68 17.77
N GLU A 90 -13.69 15.00 17.99
CA GLU A 90 -14.97 15.70 18.10
C GLU A 90 -15.59 15.86 16.76
N ALA A 91 -14.78 16.03 15.72
CA ALA A 91 -15.28 16.05 14.33
C ALA A 91 -16.05 14.77 14.02
N TYR A 92 -15.52 13.62 14.47
CA TYR A 92 -16.18 12.37 14.12
C TYR A 92 -17.40 12.13 14.99
N ASP A 93 -17.40 12.63 16.23
CA ASP A 93 -18.63 12.69 17.03
C ASP A 93 -19.67 13.49 16.26
N LEU A 94 -19.31 14.70 15.80
CA LEU A 94 -20.24 15.56 15.08
C LEU A 94 -20.79 14.94 13.81
N ILE A 95 -20.00 14.10 13.13
CA ILE A 95 -20.48 13.39 11.93
C ILE A 95 -21.82 12.66 12.26
N GLU A 96 -21.89 12.01 13.40
CA GLU A 96 -23.04 11.21 13.82
C GLU A 96 -24.32 12.03 14.06
N SER A 97 -24.19 13.36 14.17
CA SER A 97 -25.35 14.24 14.33
C SER A 97 -25.87 14.74 13.05
N VAL A 98 -25.15 14.55 11.93
CA VAL A 98 -25.64 15.17 10.71
C VAL A 98 -26.93 14.46 10.29
N GLU A 99 -27.84 15.20 9.69
CA GLU A 99 -29.20 14.78 9.38
C GLU A 99 -29.38 14.80 7.89
N VAL A 100 -29.44 13.60 7.31
CA VAL A 100 -29.47 13.49 5.84
C VAL A 100 -30.75 12.82 5.47
N GLU A 101 -31.40 13.39 4.47
CA GLU A 101 -32.58 12.73 4.00
C GLU A 101 -32.28 12.22 2.57
N TYR A 102 -32.40 10.89 2.44
CA TYR A 102 -32.15 10.19 1.17
C TYR A 102 -33.44 9.75 0.43
N GLU A 103 -33.48 9.97 -0.86
CA GLU A 103 -34.43 9.29 -1.75
C GLU A 103 -33.67 8.36 -2.70
N GLU A 104 -33.69 7.07 -2.41
CA GLU A 104 -32.91 6.09 -3.16
C GLU A 104 -33.41 6.06 -4.56
N LEU A 105 -32.50 6.27 -5.51
CA LEU A 105 -32.75 6.14 -6.92
C LEU A 105 -32.14 4.86 -7.45
N ASP A 106 -32.50 4.58 -8.69
CA ASP A 106 -31.96 3.42 -9.35
C ASP A 106 -30.52 3.76 -9.80
N TYR A 107 -29.68 2.72 -9.77
CA TYR A 107 -28.26 2.85 -10.05
C TYR A 107 -27.70 1.72 -10.91
N VAL A 108 -26.59 2.02 -11.57
CA VAL A 108 -25.94 1.01 -12.39
C VAL A 108 -24.42 0.86 -12.02
N LEU A 109 -23.98 -0.38 -11.78
CA LEU A 109 -22.60 -0.81 -11.39
C LEU A 109 -21.76 -1.36 -12.55
N ASP A 110 -22.41 -2.04 -13.47
CA ASP A 110 -21.70 -2.68 -14.56
C ASP A 110 -21.67 -1.78 -15.77
N PRO A 111 -20.47 -1.40 -16.30
CA PRO A 111 -20.39 -0.41 -17.37
C PRO A 111 -21.01 -0.87 -18.72
N GLU A 112 -21.10 -2.20 -18.87
CA GLU A 112 -21.77 -2.84 -19.98
C GLU A 112 -23.26 -2.67 -19.96
N LYS A 113 -23.91 -2.85 -18.81
CA LYS A 113 -25.28 -2.39 -18.58
C LYS A 113 -25.40 -0.89 -18.80
N ALA A 114 -24.45 -0.11 -18.25
CA ALA A 114 -24.61 1.34 -18.14
C ALA A 114 -24.65 1.98 -19.49
N LEU A 115 -23.84 1.45 -20.40
CA LEU A 115 -23.75 2.01 -21.75
C LEU A 115 -25.08 1.84 -22.57
N GLU A 116 -26.02 1.04 -22.10
CA GLU A 116 -27.35 0.98 -22.73
C GLU A 116 -28.22 2.19 -22.36
N ASP A 117 -27.74 3.09 -21.49
CA ASP A 117 -28.51 4.29 -21.09
C ASP A 117 -29.91 4.03 -20.58
N LYS A 118 -30.18 2.79 -20.18
CA LYS A 118 -31.43 2.40 -19.54
C LYS A 118 -31.55 3.04 -18.14
N VAL A 119 -30.46 3.14 -17.35
CA VAL A 119 -30.47 3.87 -16.06
C VAL A 119 -29.34 4.90 -16.05
N LYS A 120 -29.67 6.18 -15.83
CA LYS A 120 -28.64 7.23 -15.90
C LYS A 120 -27.88 7.29 -14.58
N VAL A 121 -26.55 7.44 -14.65
CA VAL A 121 -25.77 7.50 -13.38
C VAL A 121 -26.08 8.78 -12.58
N HIS A 122 -26.21 9.86 -13.31
CA HIS A 122 -26.80 11.08 -12.76
C HIS A 122 -28.04 11.50 -13.62
N SER A 123 -29.10 11.97 -12.94
CA SER A 123 -30.31 12.67 -13.58
C SER A 123 -30.00 13.50 -14.78
N GLY A 124 -29.05 14.40 -14.67
CA GLY A 124 -28.81 15.27 -15.80
C GLY A 124 -27.86 14.88 -16.90
N LEU A 125 -27.43 13.60 -17.02
CA LEU A 125 -26.61 13.17 -18.22
C LEU A 125 -27.46 12.85 -19.45
N SER A 126 -27.07 13.37 -20.61
CA SER A 126 -27.57 12.83 -21.89
C SER A 126 -27.28 11.31 -22.11
N SER A 127 -26.21 10.81 -21.47
CA SER A 127 -25.64 9.47 -21.71
C SER A 127 -24.59 9.11 -20.63
N ASN A 128 -24.67 7.88 -20.15
CA ASN A 128 -23.64 7.30 -19.31
C ASN A 128 -22.29 7.18 -20.05
N ILE A 129 -22.35 7.18 -21.37
CA ILE A 129 -21.15 7.04 -22.17
C ILE A 129 -20.45 8.37 -22.28
N TYR A 130 -19.30 8.45 -21.61
CA TYR A 130 -18.46 9.65 -21.61
C TYR A 130 -17.59 9.78 -22.84
N TYR A 131 -17.21 8.66 -23.45
CA TYR A 131 -16.27 8.69 -24.60
C TYR A 131 -16.55 7.43 -25.39
N HIS A 132 -16.52 7.55 -26.72
CA HIS A 132 -16.80 6.42 -27.58
C HIS A 132 -16.28 6.70 -28.95
N GLU A 133 -15.15 6.06 -29.28
CA GLU A 133 -14.48 6.20 -30.55
C GLU A 133 -14.02 4.80 -30.97
N ARG A 134 -14.06 4.54 -32.28
CA ARG A 134 -13.65 3.29 -32.90
C ARG A 134 -12.22 3.53 -33.31
N TRP A 135 -11.30 2.69 -32.84
CA TRP A 135 -9.89 2.87 -33.19
C TRP A 135 -9.51 1.86 -34.28
N LYS A 136 -8.93 2.39 -35.37
CA LYS A 136 -8.64 1.63 -36.56
C LYS A 136 -7.25 1.96 -37.00
N GLY A 137 -6.56 0.92 -37.43
CA GLY A 137 -5.27 1.16 -38.04
C GLY A 137 -4.85 -0.01 -38.90
N GLY A 138 -3.89 0.28 -39.80
CA GLY A 138 -3.36 -0.71 -40.74
C GLY A 138 -4.51 -1.22 -41.60
N ASP A 139 -4.60 -2.54 -41.79
CA ASP A 139 -5.54 -3.13 -42.74
C ASP A 139 -6.14 -4.37 -42.11
N VAL A 140 -7.15 -4.16 -41.29
CA VAL A 140 -7.72 -5.25 -40.45
C VAL A 140 -8.40 -6.31 -41.28
N GLU A 141 -8.94 -5.88 -42.44
CA GLU A 141 -9.67 -6.79 -43.34
C GLU A 141 -8.78 -7.87 -43.93
N LYS A 142 -7.63 -7.41 -44.41
CA LYS A 142 -6.54 -8.22 -44.90
C LYS A 142 -6.01 -9.18 -43.83
N ALA A 143 -5.89 -8.70 -42.57
CA ALA A 143 -5.48 -9.54 -41.46
C ALA A 143 -6.43 -10.68 -41.26
N PHE A 144 -7.72 -10.40 -41.17
CA PHE A 144 -8.65 -11.48 -40.91
C PHE A 144 -8.88 -12.33 -42.18
N LYS A 145 -8.53 -11.80 -43.37
CA LYS A 145 -8.66 -12.57 -44.65
C LYS A 145 -7.60 -13.67 -44.69
N GLU A 146 -6.35 -13.24 -44.52
CA GLU A 146 -5.12 -14.05 -44.46
C GLU A 146 -4.91 -15.01 -43.26
N ALA A 147 -5.85 -15.07 -42.32
CA ALA A 147 -5.64 -15.79 -41.07
C ALA A 147 -6.00 -17.23 -41.28
N ASP A 148 -5.28 -18.14 -40.62
CA ASP A 148 -5.65 -19.57 -40.69
C ASP A 148 -6.71 -19.88 -39.66
N LEU A 149 -6.79 -19.00 -38.66
CA LEU A 149 -7.49 -19.27 -37.43
C LEU A 149 -7.77 -17.93 -36.70
N THR A 150 -8.86 -17.91 -35.96
CA THR A 150 -9.10 -16.83 -35.03
C THR A 150 -9.50 -17.36 -33.69
N ILE A 151 -9.08 -16.60 -32.67
CA ILE A 151 -9.33 -16.96 -31.27
C ILE A 151 -10.08 -15.82 -30.60
N SER A 152 -11.06 -16.14 -29.76
CA SER A 152 -11.86 -15.10 -29.09
C SER A 152 -11.98 -15.36 -27.63
N ASP A 153 -11.97 -14.30 -26.82
CA ASP A 153 -12.35 -14.40 -25.41
C ASP A 153 -12.56 -12.97 -24.83
N THR A 154 -12.95 -12.91 -23.57
CA THR A 154 -13.07 -11.65 -22.86
C THR A 154 -12.05 -11.61 -21.69
N LEU A 155 -11.16 -10.64 -21.71
CA LEU A 155 -10.15 -10.49 -20.65
C LEU A 155 -10.53 -9.31 -19.77
N ILE A 156 -10.44 -9.51 -18.47
CA ILE A 156 -10.69 -8.51 -17.51
C ILE A 156 -9.38 -8.05 -16.82
N ASN A 157 -9.27 -6.72 -16.68
CA ASN A 157 -8.25 -6.08 -15.88
C ASN A 157 -9.03 -5.37 -14.81
N GLN A 158 -9.04 -5.95 -13.63
CA GLN A 158 -10.02 -5.58 -12.62
C GLN A 158 -9.70 -4.23 -11.97
N ARG A 159 -10.68 -3.66 -11.28
CA ARG A 159 -10.44 -2.41 -10.51
C ARG A 159 -9.42 -2.65 -9.34
N VAL A 160 -8.48 -1.75 -9.13
CA VAL A 160 -7.64 -1.84 -7.91
C VAL A 160 -7.64 -0.46 -7.22
N ILE A 161 -7.00 -0.37 -6.04
CA ILE A 161 -6.94 0.87 -5.30
C ILE A 161 -5.49 1.20 -4.93
N ALA A 162 -5.03 2.38 -5.34
CA ALA A 162 -3.68 2.86 -5.17
C ALA A 162 -3.10 2.60 -3.76
N SER A 163 -3.90 2.85 -2.72
CA SER A 163 -3.55 2.56 -1.33
C SER A 163 -2.13 3.06 -0.91
N PRO A 164 -1.73 4.33 -1.26
CA PRO A 164 -0.46 4.84 -0.69
C PRO A 164 -0.56 4.79 0.82
N LEU A 165 0.58 4.60 1.49
CA LEU A 165 0.51 4.43 2.99
C LEU A 165 0.10 5.72 3.70
N GLU A 166 0.44 6.86 3.14
CA GLU A 166 -0.19 8.12 3.59
C GLU A 166 -1.39 8.44 2.67
N THR A 167 -2.54 8.61 3.30
CA THR A 167 -3.76 9.14 2.60
C THR A 167 -3.60 10.54 2.11
N ARG A 168 -4.58 11.00 1.32
CA ARG A 168 -4.74 12.43 1.01
C ARG A 168 -4.75 13.17 2.32
N GLY A 169 -4.64 14.49 2.25
CA GLY A 169 -4.79 15.31 3.48
C GLY A 169 -4.42 16.70 3.09
N ALA A 170 -4.90 17.67 3.86
CA ALA A 170 -4.69 19.06 3.46
C ALA A 170 -4.94 19.98 4.63
N LEU A 171 -4.32 21.15 4.50
CA LEU A 171 -4.36 22.18 5.52
C LEU A 171 -4.49 23.53 4.83
N ALA A 172 -5.56 24.26 5.13
CA ALA A 172 -5.91 25.48 4.36
C ALA A 172 -6.09 26.69 5.28
N TYR A 173 -5.52 27.81 4.88
CA TYR A 173 -5.51 28.99 5.71
C TYR A 173 -5.59 30.22 4.85
N PHE A 174 -6.64 31.04 5.08
CA PHE A 174 -6.79 32.27 4.26
C PHE A 174 -6.61 33.42 5.26
N ASP A 175 -5.65 34.33 5.01
CA ASP A 175 -5.40 35.42 5.87
C ASP A 175 -6.18 36.72 5.60
N GLY A 176 -7.10 36.71 4.63
CA GLY A 176 -7.87 37.92 4.26
C GLY A 176 -7.56 38.35 2.85
N ASN A 177 -6.36 38.05 2.40
CA ASN A 177 -5.91 38.36 1.06
C ASN A 177 -5.46 37.07 0.31
N LYS A 178 -4.73 36.23 1.02
CA LYS A 178 -4.08 35.10 0.39
C LYS A 178 -4.45 33.75 1.05
N LEU A 179 -4.76 32.78 0.22
CA LEU A 179 -4.94 31.40 0.65
C LEU A 179 -3.60 30.67 0.64
N THR A 180 -3.19 30.14 1.78
CA THR A 180 -2.05 29.16 1.75
C THR A 180 -2.65 27.76 1.94
N PHE A 181 -2.30 26.82 1.04
CA PHE A 181 -2.91 25.45 1.01
C PHE A 181 -1.83 24.39 0.98
N TYR A 182 -1.73 23.54 2.04
CA TYR A 182 -0.75 22.44 2.06
C TYR A 182 -1.53 21.19 1.69
N SER A 183 -0.96 20.31 0.90
CA SER A 183 -1.72 19.16 0.52
C SER A 183 -0.80 18.01 0.19
N SER A 184 -1.29 16.82 0.49
CA SER A 184 -0.62 15.61 0.08
C SER A 184 -0.98 15.44 -1.38
N THR A 185 -0.24 16.11 -2.22
CA THR A 185 -0.61 16.15 -3.63
C THR A 185 0.61 15.74 -4.47
N GLN A 186 0.41 15.50 -5.78
CA GLN A 186 1.54 15.17 -6.70
C GLN A 186 2.22 16.38 -7.34
N SER A 187 1.66 17.57 -7.12
CA SER A 187 2.25 18.76 -7.70
C SER A 187 1.65 19.97 -7.03
N ALA A 188 2.47 20.79 -6.39
CA ALA A 188 1.95 22.05 -5.79
C ALA A 188 1.41 23.04 -6.90
N HIS A 189 2.08 23.12 -8.04
CA HIS A 189 1.80 24.12 -9.04
C HIS A 189 0.52 23.80 -9.78
N TYR A 190 0.28 22.51 -10.03
CA TYR A 190 -0.95 22.05 -10.65
C TYR A 190 -2.18 22.16 -9.73
N LEU A 191 -2.02 21.76 -8.47
CA LEU A 191 -3.04 22.01 -7.48
C LEU A 191 -3.32 23.55 -7.36
N ARG A 192 -2.31 24.38 -7.39
CA ARG A 192 -2.60 25.78 -7.35
C ARG A 192 -3.50 26.23 -8.54
N ARG A 193 -3.15 25.80 -9.77
CA ARG A 193 -3.96 26.11 -10.93
C ARG A 193 -5.39 25.61 -10.74
N ASN A 194 -5.58 24.43 -10.18
CA ASN A 194 -6.90 23.91 -9.94
C ASN A 194 -7.66 24.79 -8.93
N LEU A 195 -6.99 25.21 -7.88
CA LEU A 195 -7.67 26.05 -6.91
C LEU A 195 -7.95 27.48 -7.47
N VAL A 196 -7.01 28.05 -8.18
CA VAL A 196 -7.21 29.37 -8.84
C VAL A 196 -8.49 29.30 -9.72
N ASP A 197 -8.62 28.24 -10.55
CA ASP A 197 -9.72 28.02 -11.45
C ASP A 197 -11.01 27.86 -10.63
N PHE A 198 -10.97 27.11 -9.54
CA PHE A 198 -12.23 26.87 -8.84
C PHE A 198 -12.70 28.06 -7.99
N LEU A 199 -11.77 28.83 -7.43
CA LEU A 199 -12.11 29.87 -6.50
C LEU A 199 -12.15 31.23 -7.14
N GLY A 200 -11.60 31.37 -8.35
CA GLY A 200 -11.70 32.63 -9.07
C GLY A 200 -10.75 33.72 -8.60
N PHE A 201 -9.63 33.36 -7.97
CA PHE A 201 -8.60 34.36 -7.72
C PHE A 201 -7.18 33.74 -7.69
N GLU A 202 -6.18 34.60 -7.87
CA GLU A 202 -4.84 34.18 -8.20
C GLU A 202 -3.95 34.11 -6.93
N ASN A 203 -4.41 34.68 -5.82
CA ASN A 203 -3.51 34.83 -4.66
C ASN A 203 -3.49 33.62 -3.75
N ILE A 204 -2.97 32.54 -4.33
CA ILE A 204 -2.99 31.23 -3.70
C ILE A 204 -1.54 30.72 -3.74
N ARG A 205 -1.00 30.41 -2.56
CA ARG A 205 0.27 29.67 -2.45
C ARG A 205 -0.07 28.21 -2.11
N VAL A 206 0.53 27.25 -2.82
CA VAL A 206 0.37 25.85 -2.53
C VAL A 206 1.76 25.28 -2.07
N ILE A 207 1.71 24.42 -1.06
CA ILE A 207 2.90 23.74 -0.54
C ILE A 207 2.61 22.25 -0.58
N GLN A 208 3.43 21.54 -1.36
CA GLN A 208 3.52 20.09 -1.25
C GLN A 208 4.61 19.77 -0.24
N PRO A 209 4.25 19.31 0.96
CA PRO A 209 5.27 18.97 2.02
C PRO A 209 5.71 17.52 1.67
N ASP A 210 6.30 16.78 2.60
CA ASP A 210 6.58 15.36 2.28
C ASP A 210 5.27 14.65 1.97
N VAL A 211 5.29 13.79 0.95
CA VAL A 211 4.13 13.02 0.61
C VAL A 211 4.42 11.53 0.71
N GLY A 212 3.60 10.80 1.46
CA GLY A 212 3.80 9.37 1.64
C GLY A 212 3.34 8.53 0.44
N GLY A 213 3.82 8.85 -0.78
CA GLY A 213 3.39 8.11 -2.01
C GLY A 213 1.99 8.57 -2.53
N ALA A 214 1.59 8.07 -3.70
CA ALA A 214 0.40 8.53 -4.38
C ALA A 214 -0.01 7.50 -5.42
N PHE A 215 0.96 7.18 -6.32
CA PHE A 215 0.79 6.13 -7.37
C PHE A 215 -0.37 6.54 -8.29
N GLY A 216 -0.53 7.86 -8.45
CA GLY A 216 -1.43 8.43 -9.42
C GLY A 216 -2.66 8.96 -8.69
N SER A 217 -2.94 8.47 -7.49
CA SER A 217 -4.09 8.86 -6.73
C SER A 217 -4.20 10.33 -6.28
N LYS A 218 -3.11 11.14 -6.41
CA LYS A 218 -3.03 12.51 -5.87
C LYS A 218 -2.69 13.53 -7.01
N ILE A 219 -2.82 13.10 -8.25
CA ILE A 219 -2.70 14.05 -9.36
C ILE A 219 -3.85 15.09 -9.33
N ILE A 220 -5.08 14.58 -9.30
CA ILE A 220 -6.25 15.43 -9.38
C ILE A 220 -6.43 16.17 -8.05
N ALA A 221 -7.15 17.28 -8.10
CA ALA A 221 -7.71 17.86 -6.85
C ALA A 221 -8.96 17.09 -6.57
N HIS A 222 -9.07 16.61 -5.36
CA HIS A 222 -10.17 15.90 -4.94
C HIS A 222 -11.34 16.78 -4.48
N PRO A 223 -12.56 16.22 -4.45
CA PRO A 223 -13.65 17.10 -3.92
C PRO A 223 -13.34 17.73 -2.56
N GLU A 224 -12.74 16.96 -1.66
CA GLU A 224 -12.39 17.47 -0.33
C GLU A 224 -11.39 18.64 -0.37
N GLU A 225 -10.49 18.62 -1.34
CA GLU A 225 -9.55 19.70 -1.41
C GLU A 225 -10.21 21.02 -1.87
N TYR A 226 -10.96 20.95 -2.95
CA TYR A 226 -11.81 22.15 -3.36
C TYR A 226 -12.69 22.67 -2.22
N ALA A 227 -13.34 21.78 -1.52
CA ALA A 227 -14.21 22.18 -0.42
C ALA A 227 -13.45 22.81 0.73
N LEU A 228 -12.31 22.21 1.08
CA LEU A 228 -11.53 22.72 2.23
C LEU A 228 -11.07 24.13 1.92
N ALA A 229 -10.66 24.32 0.66
CA ALA A 229 -10.14 25.56 0.25
C ALA A 229 -11.23 26.69 0.28
N LYS A 230 -12.40 26.35 -0.19
CA LYS A 230 -13.51 27.24 -0.24
C LYS A 230 -13.98 27.54 1.21
N LEU A 231 -14.15 26.54 2.04
CA LEU A 231 -14.33 26.78 3.45
C LEU A 231 -13.32 27.69 4.16
N ALA A 232 -12.03 27.59 3.76
CA ALA A 232 -11.02 28.38 4.42
C ALA A 232 -11.27 29.86 4.14
N LEU A 233 -11.68 30.23 2.92
CA LEU A 233 -12.09 31.62 2.61
C LEU A 233 -13.18 32.17 3.54
N MET A 234 -14.10 31.29 3.89
CA MET A 234 -15.22 31.65 4.70
C MET A 234 -14.87 31.69 6.20
N LEU A 235 -14.27 30.64 6.71
CA LEU A 235 -14.05 30.52 8.14
C LEU A 235 -12.89 31.35 8.73
N ARG A 236 -11.85 31.66 7.97
CA ARG A 236 -10.73 32.48 8.52
C ARG A 236 -9.91 31.87 9.69
N LYS A 237 -10.04 30.54 9.91
CA LYS A 237 -9.15 29.75 10.74
C LYS A 237 -8.46 28.75 9.81
N PRO A 238 -7.27 28.28 10.21
CA PRO A 238 -6.73 27.15 9.49
C PRO A 238 -7.59 25.87 9.71
N LEU A 239 -7.69 25.06 8.66
CA LEU A 239 -8.61 23.94 8.62
C LEU A 239 -7.78 22.77 8.09
N LYS A 240 -7.69 21.72 8.92
CA LYS A 240 -6.97 20.49 8.63
C LYS A 240 -7.97 19.41 8.24
N TRP A 241 -7.74 18.80 7.10
CA TRP A 241 -8.55 17.68 6.72
C TRP A 241 -7.65 16.41 6.58
N VAL A 242 -7.99 15.34 7.31
CA VAL A 242 -7.31 14.04 7.08
C VAL A 242 -8.37 12.94 7.12
N PRO A 243 -8.63 12.28 5.99
CA PRO A 243 -9.59 11.15 5.96
C PRO A 243 -9.10 9.95 6.76
N THR A 244 -10.02 9.17 7.28
CA THR A 244 -9.63 7.84 7.78
C THR A 244 -9.26 6.94 6.59
N ARG A 245 -8.61 5.81 6.86
CA ARG A 245 -8.19 4.92 5.75
C ARG A 245 -9.47 4.26 5.13
N THR A 246 -10.47 3.94 5.94
CA THR A 246 -11.81 3.51 5.38
C THR A 246 -12.32 4.51 4.35
N GLU A 247 -12.33 5.79 4.72
CA GLU A 247 -12.68 6.82 3.76
C GLU A 247 -11.85 6.77 2.49
N GLU A 248 -10.52 6.63 2.69
CA GLU A 248 -9.64 6.69 1.55
C GLU A 248 -10.05 5.53 0.60
N PHE A 249 -10.22 4.32 1.13
CA PHE A 249 -10.52 3.16 0.29
C PHE A 249 -11.78 3.37 -0.52
N ILE A 250 -12.79 3.97 0.10
CA ILE A 250 -14.10 4.16 -0.48
C ILE A 250 -14.17 5.32 -1.49
N SER A 251 -13.26 6.27 -1.36
CA SER A 251 -13.36 7.49 -2.16
C SER A 251 -12.21 7.80 -3.08
N ALA A 252 -11.10 7.08 -2.99
CA ALA A 252 -9.95 7.59 -3.74
C ALA A 252 -8.99 6.48 -4.11
N GLY A 253 -8.23 6.75 -5.17
CA GLY A 253 -7.21 5.87 -5.73
C GLY A 253 -7.69 4.62 -6.47
N HIS A 254 -8.99 4.54 -6.84
CA HIS A 254 -9.48 3.45 -7.74
C HIS A 254 -8.95 3.61 -9.14
N GLY A 255 -8.41 2.52 -9.72
CA GLY A 255 -7.83 2.62 -11.07
C GLY A 255 -8.05 1.34 -11.83
N ARG A 256 -7.51 1.26 -13.05
CA ARG A 256 -7.64 0.05 -13.92
C ARG A 256 -9.14 -0.13 -14.38
N ASP A 257 -9.73 -1.29 -14.12
CA ASP A 257 -11.13 -1.59 -14.32
C ASP A 257 -11.50 -1.41 -15.83
N LYS A 258 -10.87 -2.21 -16.69
CA LYS A 258 -11.12 -2.28 -18.14
C LYS A 258 -11.28 -3.72 -18.64
N LYS A 259 -12.17 -3.92 -19.60
CA LYS A 259 -12.56 -5.21 -20.18
C LYS A 259 -12.28 -5.21 -21.69
N LEU A 260 -11.58 -6.24 -22.19
CA LEU A 260 -11.42 -6.38 -23.65
C LEU A 260 -12.13 -7.64 -24.18
N LYS A 261 -13.14 -7.43 -25.05
CA LYS A 261 -13.77 -8.50 -25.88
C LYS A 261 -12.89 -8.49 -27.10
N PHE A 262 -12.16 -9.60 -27.33
CA PHE A 262 -11.14 -9.57 -28.42
C PHE A 262 -11.36 -10.72 -29.40
N GLU A 263 -10.83 -10.58 -30.60
CA GLU A 263 -10.71 -11.71 -31.47
C GLU A 263 -9.39 -11.52 -32.13
N VAL A 264 -8.57 -12.58 -32.17
CA VAL A 264 -7.24 -12.37 -32.75
C VAL A 264 -7.15 -13.26 -34.01
N ALA A 265 -6.49 -12.69 -35.01
CA ALA A 265 -6.24 -13.37 -36.23
C ALA A 265 -4.78 -13.78 -36.34
N VAL A 266 -4.61 -15.11 -36.45
CA VAL A 266 -3.27 -15.66 -36.53
C VAL A 266 -3.05 -16.61 -37.71
N LYS A 267 -1.79 -16.63 -38.17
CA LYS A 267 -1.28 -17.82 -38.90
C LYS A 267 -0.82 -18.96 -37.96
N LYS A 268 -1.02 -20.19 -38.43
CA LYS A 268 -0.65 -21.41 -37.67
C LYS A 268 0.82 -21.45 -37.20
N ASP A 269 1.71 -20.73 -37.89
CA ASP A 269 3.07 -20.63 -37.44
C ASP A 269 3.27 -19.60 -36.28
N GLY A 270 2.18 -19.18 -35.62
CA GLY A 270 2.23 -18.13 -34.60
C GLY A 270 2.44 -16.68 -35.04
N THR A 271 2.36 -16.39 -36.35
CA THR A 271 2.19 -15.00 -36.84
C THR A 271 0.85 -14.44 -36.30
N ILE A 272 0.94 -13.29 -35.60
CA ILE A 272 -0.26 -12.57 -35.10
C ILE A 272 -0.51 -11.53 -36.16
N LEU A 273 -1.68 -11.58 -36.78
CA LEU A 273 -1.91 -10.69 -37.93
C LEU A 273 -2.68 -9.40 -37.55
N GLY A 274 -3.74 -9.59 -36.78
CA GLY A 274 -4.58 -8.48 -36.47
C GLY A 274 -5.48 -8.86 -35.33
N ILE A 275 -6.11 -7.79 -34.81
CA ILE A 275 -7.07 -7.84 -33.68
C ILE A 275 -8.30 -6.95 -33.88
N ARG A 276 -9.44 -7.41 -33.43
CA ARG A 276 -10.53 -6.50 -33.29
C ARG A 276 -11.29 -6.83 -32.05
N GLY A 277 -12.03 -5.81 -31.61
CA GLY A 277 -13.07 -6.01 -30.62
C GLY A 277 -13.45 -4.72 -29.87
N THR A 278 -13.94 -4.90 -28.67
CA THR A 278 -14.59 -3.86 -27.95
C THR A 278 -13.86 -3.72 -26.58
N LEU A 279 -13.35 -2.51 -26.32
CA LEU A 279 -12.80 -2.16 -24.97
C LEU A 279 -13.80 -1.43 -24.13
N ILE A 280 -14.20 -1.98 -22.99
CA ILE A 280 -15.05 -1.21 -22.09
C ILE A 280 -14.37 -0.73 -20.76
N ALA A 281 -14.23 0.59 -20.60
CA ALA A 281 -13.56 1.18 -19.40
C ALA A 281 -14.56 1.81 -18.45
N ASN A 282 -14.44 1.50 -17.15
CA ASN A 282 -15.36 1.99 -16.15
C ASN A 282 -14.83 3.30 -15.48
N LEU A 283 -15.40 4.44 -15.87
CA LEU A 283 -15.05 5.72 -15.22
C LEU A 283 -15.61 5.95 -13.84
N GLY A 284 -16.53 5.10 -13.40
CA GLY A 284 -17.32 5.36 -12.18
C GLY A 284 -18.06 6.73 -12.34
N ALA A 285 -18.37 7.43 -11.25
CA ALA A 285 -19.30 8.62 -11.26
C ALA A 285 -18.77 9.84 -11.99
N PRO A 286 -19.68 10.69 -12.52
CA PRO A 286 -19.11 11.82 -13.25
C PRO A 286 -18.47 12.90 -12.31
N TYR A 287 -17.20 12.80 -11.95
CA TYR A 287 -16.52 13.89 -11.31
C TYR A 287 -15.60 14.39 -12.37
N PRO A 288 -15.74 15.67 -12.78
CA PRO A 288 -14.95 16.06 -13.92
C PRO A 288 -13.40 15.86 -13.81
N ASP A 289 -12.79 16.19 -12.67
CA ASP A 289 -11.27 16.05 -12.53
C ASP A 289 -10.81 14.62 -12.75
N ALA A 290 -11.52 13.69 -12.13
CA ALA A 290 -11.22 12.28 -12.33
C ALA A 290 -11.55 11.78 -13.74
N ASN A 291 -12.72 12.18 -14.27
CA ASN A 291 -13.13 11.71 -15.63
C ASN A 291 -12.15 12.09 -16.63
N ASP A 292 -11.71 13.32 -16.56
CA ASP A 292 -10.77 13.81 -17.52
C ASP A 292 -9.38 13.01 -17.43
N ASP A 293 -8.91 12.73 -16.20
CA ASP A 293 -7.67 11.96 -15.89
C ASP A 293 -7.78 10.58 -16.52
N GLU A 294 -8.81 9.84 -16.10
CA GLU A 294 -9.03 8.50 -16.56
C GLU A 294 -9.39 8.32 -18.03
N SER A 295 -10.21 9.22 -18.57
CA SER A 295 -10.48 9.15 -19.98
C SER A 295 -9.21 9.27 -20.88
N GLY A 296 -8.26 10.15 -20.53
CA GLY A 296 -6.97 10.18 -21.25
C GLY A 296 -6.27 8.79 -21.18
N ASN A 297 -6.43 8.15 -20.01
CA ASN A 297 -5.87 6.78 -19.76
C ASN A 297 -6.51 5.67 -20.64
N VAL A 298 -7.82 5.82 -20.92
CA VAL A 298 -8.52 4.90 -21.83
C VAL A 298 -7.86 4.84 -23.20
N LYS A 299 -7.50 5.98 -23.68
CA LYS A 299 -6.80 6.14 -24.89
C LYS A 299 -5.42 5.48 -24.87
N SER A 300 -4.74 5.58 -23.72
CA SER A 300 -3.42 4.94 -23.56
C SER A 300 -3.56 3.44 -23.68
N THR A 301 -4.61 2.87 -23.05
CA THR A 301 -4.87 1.46 -23.14
C THR A 301 -5.04 0.99 -24.62
N VAL A 302 -5.93 1.68 -25.38
CA VAL A 302 -6.14 1.30 -26.79
C VAL A 302 -4.86 1.47 -27.57
N ARG A 303 -4.22 2.61 -27.42
CA ARG A 303 -3.13 2.86 -28.32
C ARG A 303 -1.92 1.93 -28.10
N MET A 304 -1.89 1.20 -26.98
CA MET A 304 -0.71 0.36 -26.67
C MET A 304 -0.97 -1.11 -26.94
N LEU A 305 -2.22 -1.48 -27.17
CA LEU A 305 -2.62 -2.83 -27.68
C LEU A 305 -1.75 -3.46 -28.78
N PRO A 306 -1.16 -2.68 -29.72
CA PRO A 306 -0.31 -3.46 -30.63
C PRO A 306 1.03 -3.94 -30.00
N GLY A 307 1.39 -3.38 -28.83
CA GLY A 307 2.58 -3.79 -28.14
C GLY A 307 3.84 -3.66 -29.00
N ILE A 308 4.72 -4.65 -28.89
CA ILE A 308 6.01 -4.63 -29.60
C ILE A 308 5.93 -5.42 -30.92
N TYR A 309 4.72 -5.79 -31.35
CA TYR A 309 4.46 -6.68 -32.48
C TYR A 309 4.25 -6.04 -33.89
N LYS A 310 4.55 -6.81 -34.92
CA LYS A 310 4.44 -6.30 -36.29
C LYS A 310 2.99 -6.54 -36.78
N ILE A 311 2.00 -6.07 -36.02
CA ILE A 311 0.53 -6.27 -36.28
C ILE A 311 0.17 -5.64 -37.66
N ILE A 312 -0.69 -6.28 -38.42
CA ILE A 312 -0.93 -5.66 -39.75
C ILE A 312 -2.18 -4.79 -39.77
N GLY A 313 -3.23 -5.17 -39.06
CA GLY A 313 -4.36 -4.25 -38.83
C GLY A 313 -5.08 -4.47 -37.52
N ALA A 314 -5.76 -3.43 -37.02
CA ALA A 314 -6.65 -3.63 -35.86
C ALA A 314 -7.86 -2.69 -35.91
N ASP A 315 -8.90 -3.06 -35.23
CA ASP A 315 -10.11 -2.32 -35.22
C ASP A 315 -10.71 -2.49 -33.82
N ILE A 316 -10.59 -1.47 -32.94
CA ILE A 316 -11.06 -1.59 -31.52
C ILE A 316 -12.08 -0.54 -31.19
N ASP A 317 -13.20 -0.98 -30.66
CA ASP A 317 -14.29 -0.09 -30.41
C ASP A 317 -14.14 0.27 -28.92
N ALA A 318 -13.68 1.50 -28.63
CA ALA A 318 -13.44 1.97 -27.20
C ALA A 318 -14.59 2.75 -26.52
N TYR A 319 -15.07 2.23 -25.42
CA TYR A 319 -16.01 2.91 -24.52
C TYR A 319 -15.40 3.31 -23.14
N ALA A 320 -15.66 4.55 -22.71
CA ALA A 320 -15.46 4.95 -21.33
C ALA A 320 -16.84 5.33 -20.79
N VAL A 321 -17.30 4.60 -19.80
CA VAL A 321 -18.63 4.67 -19.35
C VAL A 321 -18.71 4.99 -17.89
N HIS A 322 -19.65 5.86 -17.44
CA HIS A 322 -19.95 6.07 -15.99
C HIS A 322 -20.67 4.93 -15.36
N THR A 323 -20.46 4.72 -14.06
CA THR A 323 -21.30 3.84 -13.29
C THR A 323 -21.40 4.52 -11.92
N ASN A 324 -22.30 4.04 -11.05
CA ASN A 324 -22.49 4.61 -9.70
C ASN A 324 -21.47 4.19 -8.68
N ILE A 325 -20.17 4.43 -8.99
CA ILE A 325 -19.08 4.16 -8.03
C ILE A 325 -18.10 5.28 -8.06
N THR A 326 -17.26 5.23 -7.03
CA THR A 326 -16.16 6.16 -6.89
C THR A 326 -15.56 6.52 -8.27
N PRO A 327 -15.45 7.80 -8.61
CA PRO A 327 -14.81 8.02 -9.90
C PRO A 327 -13.37 7.42 -10.05
N THR A 328 -13.04 6.89 -11.21
CA THR A 328 -11.81 6.17 -11.49
C THR A 328 -10.72 7.21 -11.78
N GLN A 329 -9.47 6.91 -11.43
CA GLN A 329 -8.34 7.84 -11.64
C GLN A 329 -7.10 7.12 -12.11
N SER A 330 -6.08 7.87 -12.47
CA SER A 330 -4.78 7.31 -12.79
C SER A 330 -4.36 6.44 -11.61
N TYR A 331 -3.90 5.23 -11.95
CA TYR A 331 -3.06 4.41 -11.04
C TYR A 331 -1.84 3.95 -11.85
N ARG A 332 -0.67 4.02 -11.19
CA ARG A 332 0.61 3.59 -11.73
C ARG A 332 0.59 2.90 -13.08
N GLY A 333 0.98 3.63 -14.11
CA GLY A 333 0.87 3.22 -15.51
C GLY A 333 -0.27 3.87 -16.30
N ALA A 334 -1.39 4.15 -15.64
CA ALA A 334 -2.43 5.07 -16.14
C ALA A 334 -2.90 4.66 -17.58
N GLY A 335 -3.42 3.45 -17.67
CA GLY A 335 -3.91 2.91 -18.95
C GLY A 335 -2.92 1.98 -19.69
N ARG A 336 -1.62 2.25 -19.56
CA ARG A 336 -0.63 1.41 -20.27
C ARG A 336 -0.54 -0.04 -19.77
N PRO A 337 -0.70 -0.28 -18.42
CA PRO A 337 -0.70 -1.66 -17.94
C PRO A 337 -1.83 -2.49 -18.58
N GLU A 338 -3.03 -1.92 -18.62
CA GLU A 338 -4.18 -2.65 -19.19
C GLU A 338 -3.91 -3.07 -20.65
N GLY A 339 -3.46 -2.13 -21.45
CA GLY A 339 -3.16 -2.36 -22.87
C GLY A 339 -2.07 -3.41 -23.13
N ILE A 340 -0.86 -3.24 -22.53
CA ILE A 340 0.19 -4.29 -22.52
C ILE A 340 -0.33 -5.63 -21.93
N TYR A 341 -1.09 -5.61 -20.84
CA TYR A 341 -1.66 -6.82 -20.29
C TYR A 341 -2.52 -7.54 -21.35
N PHE A 342 -3.42 -6.77 -22.02
CA PHE A 342 -4.22 -7.32 -23.08
C PHE A 342 -3.41 -7.99 -24.19
N ILE A 343 -2.45 -7.29 -24.82
CA ILE A 343 -1.70 -7.89 -25.89
C ILE A 343 -0.84 -9.09 -25.39
N GLU A 344 -0.24 -9.00 -24.19
CA GLU A 344 0.63 -10.07 -23.67
C GLU A 344 -0.15 -11.29 -23.23
N ARG A 345 -1.37 -11.11 -22.77
CA ARG A 345 -2.20 -12.27 -22.55
C ARG A 345 -2.62 -12.95 -23.88
N ILE A 346 -3.07 -12.14 -24.84
CA ILE A 346 -3.53 -12.63 -26.12
C ILE A 346 -2.37 -13.47 -26.74
N VAL A 347 -1.15 -12.90 -26.80
CA VAL A 347 0.06 -13.57 -27.32
C VAL A 347 0.25 -14.96 -26.66
N ASN A 348 0.02 -15.07 -25.35
CA ASN A 348 0.19 -16.36 -24.73
C ASN A 348 -0.96 -17.29 -25.01
N ILE A 349 -2.13 -16.70 -25.22
CA ILE A 349 -3.32 -17.51 -25.42
C ILE A 349 -3.13 -18.18 -26.79
N VAL A 350 -2.56 -17.44 -27.72
CA VAL A 350 -2.36 -17.92 -29.05
C VAL A 350 -1.28 -19.02 -28.98
N ALA A 351 -0.07 -18.66 -28.45
CA ALA A 351 1.06 -19.61 -28.19
C ALA A 351 0.56 -20.92 -27.62
N ASP A 352 -0.25 -20.86 -26.58
CA ASP A 352 -0.88 -22.01 -26.01
C ASP A 352 -1.87 -22.75 -26.90
N GLU A 353 -2.57 -22.01 -27.76
CA GLU A 353 -3.52 -22.64 -28.67
C GLU A 353 -2.76 -23.30 -29.84
N LEU A 354 -1.69 -22.70 -30.34
CA LEU A 354 -0.92 -23.26 -31.40
C LEU A 354 0.28 -24.13 -30.99
N GLY A 355 0.42 -24.52 -29.71
CA GLY A 355 1.65 -25.20 -29.19
C GLY A 355 2.96 -24.52 -29.57
N ILE A 356 2.98 -23.18 -29.63
CA ILE A 356 4.24 -22.47 -29.86
C ILE A 356 4.80 -22.11 -28.47
N ASP A 357 6.12 -22.05 -28.41
CA ASP A 357 6.84 -21.58 -27.25
C ASP A 357 6.57 -20.08 -27.00
N GLN A 358 6.27 -19.76 -25.74
CA GLN A 358 5.96 -18.38 -25.33
C GLN A 358 7.06 -17.38 -25.61
N TYR A 359 8.34 -17.84 -25.58
CA TYR A 359 9.41 -16.91 -25.96
C TYR A 359 9.55 -16.78 -27.50
N GLU A 360 9.39 -17.94 -28.16
CA GLU A 360 9.60 -17.99 -29.65
C GLU A 360 8.55 -17.11 -30.36
N ILE A 361 7.31 -17.20 -29.92
CA ILE A 361 6.23 -16.38 -30.54
C ILE A 361 6.57 -14.87 -30.50
N ARG A 362 7.20 -14.43 -29.40
CA ARG A 362 7.57 -13.05 -29.28
C ARG A 362 8.74 -12.68 -30.19
N LEU A 363 9.75 -13.57 -30.27
CA LEU A 363 10.87 -13.35 -31.21
C LEU A 363 10.34 -13.36 -32.65
N LYS A 364 9.29 -14.17 -32.92
CA LYS A 364 8.68 -14.26 -34.24
C LYS A 364 8.02 -12.91 -34.66
N ASN A 365 7.23 -12.32 -33.73
CA ASN A 365 6.39 -11.15 -34.02
C ASN A 365 6.97 -9.80 -33.73
N ALA A 366 8.09 -9.77 -33.04
CA ALA A 366 8.75 -8.55 -32.62
C ALA A 366 9.15 -7.61 -33.75
N ILE A 367 8.80 -6.33 -33.63
CA ILE A 367 9.44 -5.28 -34.39
C ILE A 367 10.98 -5.51 -34.50
N ASP A 368 11.56 -5.18 -35.64
CA ASP A 368 13.01 -5.36 -35.85
C ASP A 368 13.75 -4.15 -35.30
N THR A 369 13.74 -3.05 -36.06
CA THR A 369 14.38 -1.83 -35.57
C THR A 369 13.44 -0.64 -35.26
N LEU A 370 13.96 0.24 -34.43
CA LEU A 370 13.31 1.44 -33.99
C LEU A 370 14.06 2.57 -34.68
N PRO A 371 13.42 3.68 -35.09
CA PRO A 371 12.01 4.04 -34.81
C PRO A 371 11.02 3.19 -35.54
N TYR A 372 9.82 3.03 -34.99
CA TYR A 372 8.74 2.35 -35.63
C TYR A 372 7.45 2.99 -35.18
N THR A 373 6.52 3.21 -36.11
CA THR A 373 5.18 3.67 -35.71
C THR A 373 4.17 2.54 -35.66
N ASN A 374 3.61 2.28 -34.49
CA ASN A 374 2.58 1.24 -34.38
C ASN A 374 1.31 1.61 -35.17
N ILE A 375 0.39 0.67 -35.18
CA ILE A 375 -0.79 0.66 -35.97
C ILE A 375 -1.75 1.78 -35.58
N PHE A 376 -1.69 2.20 -34.29
CA PHE A 376 -2.56 3.23 -33.78
C PHE A 376 -1.84 4.54 -33.66
N GLY A 377 -0.70 4.65 -34.35
CA GLY A 377 0.04 5.89 -34.47
C GLY A 377 1.08 6.21 -33.39
N VAL A 378 1.36 5.28 -32.46
CA VAL A 378 2.41 5.58 -31.43
C VAL A 378 3.79 5.36 -32.05
N THR A 379 4.62 6.36 -32.06
CA THR A 379 6.01 6.18 -32.48
C THR A 379 6.93 5.72 -31.34
N TYR A 380 7.40 4.48 -31.48
CA TYR A 380 8.38 3.93 -30.61
C TYR A 380 9.69 4.46 -31.11
N ASP A 381 10.39 5.27 -30.29
CA ASP A 381 11.42 6.15 -30.87
C ASP A 381 12.81 5.61 -31.07
N SER A 382 13.28 4.78 -30.14
CA SER A 382 14.69 4.38 -30.17
C SER A 382 14.86 3.12 -29.35
N GLY A 383 15.88 2.35 -29.74
CA GLY A 383 16.19 1.06 -29.13
C GLY A 383 16.12 -0.06 -30.15
N ASN A 384 16.03 -1.28 -29.64
CA ASN A 384 16.07 -2.45 -30.47
C ASN A 384 15.46 -3.55 -29.72
N VAL A 385 14.19 -3.81 -30.05
CA VAL A 385 13.38 -4.75 -29.29
C VAL A 385 13.93 -6.17 -29.41
N LYS A 386 14.16 -6.63 -30.66
CA LYS A 386 14.60 -7.99 -30.95
C LYS A 386 15.83 -8.33 -30.17
N LYS A 387 16.78 -7.42 -30.22
CA LYS A 387 18.09 -7.58 -29.58
C LYS A 387 17.97 -7.68 -28.07
N LEU A 388 17.08 -6.87 -27.50
CA LEU A 388 16.79 -6.96 -26.06
C LEU A 388 16.15 -8.29 -25.75
N LEU A 389 15.24 -8.76 -26.60
CA LEU A 389 14.67 -10.08 -26.41
C LEU A 389 15.73 -11.22 -26.51
N GLU A 390 16.75 -11.06 -27.38
CA GLU A 390 17.81 -12.10 -27.52
C GLU A 390 18.58 -12.14 -26.19
N ILE A 391 18.94 -10.96 -25.67
CA ILE A 391 19.57 -10.86 -24.36
C ILE A 391 18.72 -11.58 -23.30
N GLY A 392 17.40 -11.40 -23.36
CA GLY A 392 16.55 -11.98 -22.34
C GLY A 392 16.27 -13.43 -22.44
N LYS A 393 16.45 -13.99 -23.65
CA LYS A 393 16.29 -15.47 -23.85
C LYS A 393 17.21 -16.32 -22.91
N LYS A 394 18.43 -15.82 -22.68
CA LYS A 394 19.39 -16.53 -21.84
C LYS A 394 18.77 -16.77 -20.43
N TYR A 395 18.02 -15.79 -19.85
CA TYR A 395 17.30 -16.00 -18.55
C TYR A 395 16.10 -16.88 -18.67
N TYR A 396 15.43 -16.85 -19.82
CA TYR A 396 14.27 -17.71 -20.04
C TYR A 396 14.71 -19.18 -20.05
N ASP A 397 15.78 -19.44 -20.82
CA ASP A 397 16.41 -20.79 -20.88
C ASP A 397 16.83 -21.30 -19.52
N GLU A 398 17.53 -20.45 -18.72
CA GLU A 398 17.89 -20.83 -17.34
C GLU A 398 16.63 -21.14 -16.53
N LEU A 399 15.64 -20.22 -16.57
CA LEU A 399 14.44 -20.46 -15.79
C LEU A 399 13.68 -21.70 -16.22
N LYS A 400 13.63 -21.94 -17.53
CA LYS A 400 12.97 -23.15 -18.03
C LYS A 400 13.52 -24.48 -17.45
N LYS A 401 14.78 -24.51 -17.00
CA LYS A 401 15.25 -25.76 -16.35
C LYS A 401 15.15 -25.82 -14.86
N GLU A 402 14.70 -24.73 -14.22
CA GLU A 402 14.44 -24.80 -12.77
C GLU A 402 13.08 -25.35 -12.46
N ASP A 403 12.79 -25.59 -11.19
CA ASP A 403 11.53 -26.23 -10.80
C ASP A 403 10.43 -25.13 -10.62
N GLY A 404 9.32 -25.27 -11.33
CA GLY A 404 8.22 -24.30 -11.35
C GLY A 404 7.81 -23.95 -12.78
N CYS A 405 6.94 -22.96 -12.93
CA CYS A 405 6.42 -22.59 -14.26
C CYS A 405 6.88 -21.23 -14.65
N VAL A 406 7.21 -21.09 -15.93
CA VAL A 406 7.75 -19.83 -16.39
C VAL A 406 6.67 -19.00 -17.11
N GLY A 407 6.70 -17.67 -16.92
CA GLY A 407 5.88 -16.78 -17.72
C GLY A 407 6.75 -15.68 -18.14
N VAL A 408 6.51 -15.22 -19.35
CA VAL A 408 7.23 -14.04 -19.82
C VAL A 408 6.24 -13.02 -20.36
N SER A 409 6.69 -11.75 -20.45
CA SER A 409 5.96 -10.78 -21.25
C SER A 409 6.94 -9.71 -21.66
N SER A 410 6.60 -9.07 -22.75
CA SER A 410 7.41 -8.02 -23.24
C SER A 410 6.53 -6.75 -23.27
N TYR A 411 7.11 -5.59 -23.00
CA TYR A 411 6.29 -4.41 -22.91
C TYR A 411 6.98 -3.34 -23.69
N ILE A 412 6.18 -2.37 -24.11
CA ILE A 412 6.71 -1.07 -24.54
C ILE A 412 5.79 -0.02 -23.87
N GLU A 413 6.19 1.25 -23.78
CA GLU A 413 5.63 2.12 -22.78
C GLU A 413 5.85 3.52 -23.26
N ILE A 414 5.03 4.47 -22.74
CA ILE A 414 5.12 5.90 -23.16
C ILE A 414 5.41 6.74 -21.93
N THR A 415 6.35 7.67 -22.02
CA THR A 415 6.77 8.38 -20.81
C THR A 415 7.21 9.76 -21.20
N ALA A 416 7.43 10.62 -20.18
CA ALA A 416 8.09 11.93 -20.35
C ALA A 416 7.21 12.91 -21.18
N PHE A 417 5.96 12.96 -20.78
CA PHE A 417 4.97 13.86 -21.35
C PHE A 417 5.31 15.32 -21.06
N GLY A 418 4.84 16.20 -21.96
CA GLY A 418 5.07 17.63 -21.80
C GLY A 418 4.09 18.24 -20.81
N PRO A 419 3.86 19.58 -20.91
CA PRO A 419 4.28 20.37 -22.08
C PRO A 419 5.60 21.01 -21.82
N TRP A 420 5.97 21.09 -20.55
CA TRP A 420 7.22 21.80 -20.24
C TRP A 420 7.59 21.44 -18.81
N GLU A 421 8.76 21.87 -18.37
CA GLU A 421 9.04 21.72 -16.92
C GLU A 421 10.04 22.77 -16.54
N VAL A 422 10.14 23.11 -15.24
CA VAL A 422 10.94 24.26 -14.84
C VAL A 422 12.08 23.88 -13.89
N ALA A 423 13.15 24.66 -13.90
CA ALA A 423 14.19 24.48 -12.88
C ALA A 423 14.72 25.88 -12.61
N ARG A 424 14.94 26.19 -11.33
CA ARG A 424 15.60 27.43 -10.96
C ARG A 424 16.92 27.06 -10.25
N ILE A 425 18.04 27.74 -10.54
CA ILE A 425 19.24 27.55 -9.74
C ILE A 425 19.73 28.90 -9.28
N SER A 426 20.16 29.01 -8.03
CA SER A 426 20.50 30.32 -7.51
C SER A 426 21.73 30.30 -6.65
N VAL A 427 22.55 31.34 -6.71
CA VAL A 427 23.77 31.34 -5.88
C VAL A 427 23.83 32.55 -4.99
N LYS A 428 24.04 32.31 -3.68
CA LYS A 428 23.97 33.44 -2.72
C LYS A 428 25.40 34.09 -2.68
N TYR A 429 25.53 35.27 -2.12
CA TYR A 429 26.80 35.98 -2.06
C TYR A 429 27.91 35.15 -1.47
N ASP A 430 27.60 34.36 -0.39
CA ASP A 430 28.62 33.53 0.32
C ASP A 430 28.97 32.33 -0.56
N GLY A 431 28.20 32.08 -1.63
CA GLY A 431 28.48 30.96 -2.53
C GLY A 431 27.49 29.81 -2.54
N LYS A 432 26.53 29.82 -1.62
CA LYS A 432 25.62 28.67 -1.47
C LYS A 432 24.78 28.46 -2.72
N ILE A 433 24.66 27.21 -3.16
CA ILE A 433 23.85 26.93 -4.34
C ILE A 433 22.60 26.18 -3.96
N THR A 434 21.47 26.63 -4.51
CA THR A 434 20.18 25.92 -4.37
C THR A 434 19.58 25.72 -5.75
N LEU A 435 19.19 24.49 -5.98
CA LEU A 435 18.50 24.07 -7.16
C LEU A 435 17.02 23.82 -6.78
N VAL A 436 16.09 24.37 -7.56
CA VAL A 436 14.65 24.12 -7.32
C VAL A 436 14.08 23.46 -8.58
N THR A 437 13.30 22.39 -8.37
CA THR A 437 12.61 21.75 -9.52
C THR A 437 11.11 22.10 -9.51
N GLY A 438 10.46 22.26 -10.68
CA GLY A 438 9.01 22.46 -10.74
C GLY A 438 8.25 21.13 -10.69
N THR A 439 8.99 20.02 -10.74
CA THR A 439 8.32 18.71 -10.48
C THR A 439 7.94 18.57 -8.97
N GLY A 440 7.31 17.48 -8.60
CA GLY A 440 6.86 17.33 -7.24
C GLY A 440 7.12 15.88 -6.73
N PRO A 441 8.42 15.47 -6.56
CA PRO A 441 8.67 14.07 -6.11
C PRO A 441 7.99 13.77 -4.81
N HIS A 442 7.57 12.54 -4.67
CA HIS A 442 6.83 12.01 -3.53
C HIS A 442 7.23 10.54 -3.29
N GLY A 443 8.55 10.33 -3.30
CA GLY A 443 9.13 9.04 -2.96
C GLY A 443 10.14 8.55 -3.99
N GLN A 444 10.07 9.11 -5.20
CA GLN A 444 10.82 8.54 -6.32
C GLN A 444 12.31 8.90 -6.34
N GLY A 445 12.76 9.81 -5.49
CA GLY A 445 14.17 10.14 -5.40
C GLY A 445 14.79 10.98 -6.51
N ASP A 446 13.97 11.74 -7.25
CA ASP A 446 14.48 12.57 -8.35
C ASP A 446 15.40 13.65 -7.89
N ALA A 447 15.25 14.08 -6.64
CA ALA A 447 16.08 15.18 -6.15
C ALA A 447 17.58 14.72 -6.16
N THR A 448 17.84 13.48 -5.75
CA THR A 448 19.22 12.93 -5.81
C THR A 448 19.68 12.93 -7.27
N ALA A 449 18.84 12.47 -8.19
CA ALA A 449 19.19 12.51 -9.61
C ALA A 449 19.45 13.92 -10.08
N PHE A 450 18.70 14.88 -9.50
CA PHE A 450 18.88 16.26 -9.94
C PHE A 450 20.21 16.80 -9.46
N ALA A 451 20.56 16.42 -8.24
CA ALA A 451 21.80 16.86 -7.63
C ALA A 451 23.00 16.24 -8.45
N GLN A 452 22.92 14.97 -8.81
CA GLN A 452 23.94 14.30 -9.72
C GLN A 452 24.12 15.05 -11.07
N ILE A 453 23.00 15.38 -11.72
CA ILE A 453 23.00 16.20 -12.96
C ILE A 453 23.66 17.57 -12.76
N ALA A 454 23.21 18.35 -11.77
CA ALA A 454 23.70 19.69 -11.62
C ALA A 454 25.19 19.68 -11.19
N ALA A 455 25.57 18.74 -10.34
CA ALA A 455 26.96 18.66 -9.91
C ALA A 455 27.91 18.30 -11.11
N ASP A 456 27.50 17.40 -12.00
CA ASP A 456 28.26 17.11 -13.23
C ASP A 456 28.44 18.34 -14.10
N VAL A 457 27.35 19.08 -14.35
CA VAL A 457 27.42 20.32 -15.14
C VAL A 457 28.35 21.37 -14.50
N LEU A 458 28.21 21.60 -13.21
CA LEU A 458 29.01 22.64 -12.54
C LEU A 458 30.41 22.15 -12.13
N GLU A 459 30.60 20.82 -12.13
CA GLU A 459 31.86 20.17 -11.78
C GLU A 459 32.16 20.41 -10.32
N LEU A 460 31.13 20.28 -9.45
CA LEU A 460 31.26 20.55 -8.01
C LEU A 460 30.94 19.32 -7.20
N PRO A 461 31.36 19.28 -5.93
CA PRO A 461 30.83 18.11 -5.17
C PRO A 461 29.25 18.13 -5.08
N ILE A 462 28.63 16.96 -5.15
CA ILE A 462 27.18 16.77 -5.06
C ILE A 462 26.59 17.37 -3.76
N GLU A 463 27.33 17.37 -2.66
CA GLU A 463 26.84 17.96 -1.40
C GLU A 463 26.72 19.47 -1.52
N LYS A 464 27.26 20.07 -2.59
CA LYS A 464 27.12 21.50 -2.79
C LYS A 464 25.73 21.93 -3.33
N ILE A 465 24.93 20.95 -3.76
CA ILE A 465 23.72 21.21 -4.51
C ILE A 465 22.54 20.76 -3.62
N GLU A 466 21.98 21.68 -2.88
CA GLU A 466 20.72 21.48 -2.20
C GLU A 466 19.58 21.46 -3.26
N VAL A 467 18.68 20.49 -3.17
CA VAL A 467 17.59 20.41 -4.11
C VAL A 467 16.26 20.57 -3.36
N ARG A 468 15.44 21.54 -3.84
CA ARG A 468 14.14 21.88 -3.22
C ARG A 468 13.02 21.79 -4.23
N TRP A 469 11.78 21.62 -3.80
CA TRP A 469 10.61 21.59 -4.67
C TRP A 469 9.34 21.79 -3.81
N GLY A 470 8.17 21.99 -4.47
CA GLY A 470 6.91 21.82 -3.77
C GLY A 470 6.37 23.05 -3.03
N ASP A 471 6.91 24.22 -3.34
CA ASP A 471 6.37 25.49 -2.86
C ASP A 471 6.23 26.42 -4.06
N THR A 472 5.01 26.89 -4.30
CA THR A 472 4.73 27.75 -5.48
C THR A 472 5.46 29.08 -5.32
N GLU A 473 6.01 29.34 -4.13
CA GLU A 473 6.76 30.62 -3.96
C GLU A 473 8.28 30.57 -4.18
N ILE A 474 8.84 29.37 -4.32
CA ILE A 474 10.30 29.28 -4.44
C ILE A 474 10.72 29.02 -5.91
N ILE A 475 9.73 28.85 -6.81
CA ILE A 475 10.01 28.66 -8.24
C ILE A 475 8.88 29.24 -9.08
N GLU A 476 9.22 29.73 -10.27
CA GLU A 476 8.23 30.34 -11.16
C GLU A 476 6.98 29.47 -11.34
N ASP A 477 7.13 28.17 -11.60
CA ASP A 477 5.99 27.33 -11.91
C ASP A 477 6.48 25.90 -12.07
N GLY A 478 5.57 25.02 -12.43
CA GLY A 478 5.96 23.64 -12.66
C GLY A 478 4.79 22.88 -13.22
N ILE A 479 5.11 21.69 -13.72
CA ILE A 479 4.06 20.79 -14.10
C ILE A 479 3.76 19.77 -13.02
N GLY A 480 4.68 18.81 -12.79
CA GLY A 480 4.45 17.83 -11.72
C GLY A 480 5.15 16.49 -11.94
N THR A 481 4.91 15.53 -11.02
CA THR A 481 5.48 14.19 -11.04
C THR A 481 4.35 13.22 -11.26
N TRP A 482 4.39 12.63 -12.45
CA TRP A 482 3.43 11.62 -12.98
C TRP A 482 3.93 11.28 -14.43
N GLY A 483 3.33 10.30 -15.10
CA GLY A 483 3.78 9.90 -16.45
C GLY A 483 5.29 9.65 -16.60
N SER A 484 5.95 9.24 -15.49
CA SER A 484 7.35 8.85 -15.49
C SER A 484 8.16 9.88 -16.28
N ARG A 485 7.95 11.13 -15.91
CA ARG A 485 8.47 12.27 -16.64
C ARG A 485 9.52 13.00 -15.84
N THR A 486 9.64 12.71 -14.56
CA THR A 486 10.40 13.65 -13.72
C THR A 486 11.90 13.68 -14.00
N VAL A 487 12.55 12.51 -14.02
CA VAL A 487 14.02 12.61 -14.24
C VAL A 487 14.30 13.10 -15.69
N THR A 488 13.43 12.74 -16.62
CA THR A 488 13.68 13.07 -18.03
C THR A 488 13.37 14.54 -18.34
N ILE A 489 12.11 14.94 -18.16
CA ILE A 489 11.69 16.33 -18.46
C ILE A 489 12.19 17.31 -17.39
N GLY A 490 11.97 16.94 -16.12
CA GLY A 490 12.44 17.79 -15.04
C GLY A 490 13.97 17.80 -15.04
N GLY A 491 14.61 16.67 -15.35
CA GLY A 491 16.11 16.67 -15.33
C GLY A 491 16.68 17.49 -16.51
N SER A 492 15.97 17.46 -17.64
CA SER A 492 16.44 18.32 -18.75
C SER A 492 16.33 19.78 -18.39
N ALA A 493 15.24 20.16 -17.69
CA ALA A 493 15.18 21.56 -17.21
C ALA A 493 16.38 21.86 -16.24
N VAL A 494 16.70 20.89 -15.38
CA VAL A 494 17.86 21.03 -14.44
C VAL A 494 19.19 21.24 -15.22
N LEU A 495 19.35 20.46 -16.29
CA LEU A 495 20.55 20.52 -17.13
C LEU A 495 20.69 21.91 -17.80
N LEU A 496 19.60 22.41 -18.40
CA LEU A 496 19.58 23.77 -18.95
C LEU A 496 19.92 24.87 -17.93
N ALA A 497 19.36 24.78 -16.72
CA ALA A 497 19.55 25.89 -15.78
C ALA A 497 20.95 25.86 -15.29
N SER A 498 21.45 24.65 -15.02
CA SER A 498 22.84 24.52 -14.53
C SER A 498 23.82 25.05 -15.59
N GLN A 499 23.54 24.73 -16.86
CA GLN A 499 24.39 25.17 -17.99
C GLN A 499 24.39 26.71 -18.07
N LYS A 500 23.19 27.33 -17.99
CA LYS A 500 23.06 28.80 -17.96
C LYS A 500 23.91 29.39 -16.84
N LEU A 501 23.85 28.76 -15.66
CA LEU A 501 24.65 29.20 -14.53
C LEU A 501 26.16 29.12 -14.84
N LYS A 502 26.59 28.01 -15.42
CA LYS A 502 28.01 27.80 -15.74
C LYS A 502 28.49 28.85 -16.78
N ASP A 503 27.70 29.02 -17.85
CA ASP A 503 27.94 30.06 -18.85
C ASP A 503 28.07 31.43 -18.24
N LYS A 504 27.24 31.71 -17.23
CA LYS A 504 27.31 33.03 -16.56
C LYS A 504 28.54 33.14 -15.70
N LEU A 505 28.91 32.06 -15.01
CA LEU A 505 30.09 32.08 -14.14
C LEU A 505 31.34 32.31 -15.02
N ILE A 506 31.35 31.68 -16.21
CA ILE A 506 32.40 31.84 -17.23
C ILE A 506 32.61 33.32 -17.66
N GLU A 507 31.54 33.97 -18.09
CA GLU A 507 31.71 35.35 -18.53
C GLU A 507 32.08 36.36 -17.43
N ILE A 508 31.56 36.17 -16.21
CA ILE A 508 32.00 37.01 -15.09
C ILE A 508 33.51 36.77 -14.82
N GLY A 509 33.90 35.48 -14.83
CA GLY A 509 35.30 35.05 -14.70
C GLY A 509 36.16 35.68 -15.81
N ALA A 510 35.65 35.63 -17.04
CA ALA A 510 36.29 36.23 -18.22
C ALA A 510 36.45 37.74 -18.03
N LYS A 511 35.34 38.45 -17.78
CA LYS A 511 35.38 39.86 -17.37
C LYS A 511 36.43 40.19 -16.30
N ILE A 512 36.47 39.43 -15.21
CA ILE A 512 37.48 39.64 -14.16
C ILE A 512 38.94 39.42 -14.64
N LEU A 513 39.13 38.56 -15.63
CA LEU A 513 40.45 38.19 -16.18
C LEU A 513 40.83 38.90 -17.52
N ASN A 514 40.00 39.88 -17.92
CA ASN A 514 40.06 40.51 -19.24
C ASN A 514 39.70 39.75 -20.51
N ALA A 515 39.65 38.42 -20.48
CA ALA A 515 39.53 37.60 -21.71
C ALA A 515 38.09 37.16 -22.14
N ASP A 516 37.94 35.93 -22.67
CA ASP A 516 36.63 35.34 -23.08
C ASP A 516 36.62 33.83 -22.92
N GLU A 521 39.17 29.46 -19.64
CA GLU A 521 38.78 28.07 -19.09
C GLU A 521 38.16 27.82 -17.63
N TYR A 522 37.03 27.09 -17.63
CA TYR A 522 36.24 26.69 -16.43
C TYR A 522 36.61 25.29 -15.98
N LYS A 523 36.97 25.14 -14.72
CA LYS A 523 37.14 23.83 -14.15
C LYS A 523 36.74 23.88 -12.68
N GLU A 524 35.83 22.99 -12.27
CA GLU A 524 35.44 22.90 -10.85
C GLU A 524 34.95 24.23 -10.19
N GLY A 525 34.32 25.08 -11.00
CA GLY A 525 33.84 26.34 -10.51
C GLY A 525 34.79 27.53 -10.65
N ASN A 526 36.09 27.25 -10.86
CA ASN A 526 37.11 28.31 -11.02
C ASN A 526 37.33 28.71 -12.48
N VAL A 527 37.68 29.95 -12.75
CA VAL A 527 38.02 30.33 -14.13
C VAL A 527 39.52 30.74 -14.18
N THR A 528 40.24 30.21 -15.18
CA THR A 528 41.69 30.45 -15.36
C THR A 528 42.00 30.96 -16.78
N HIS A 529 42.93 31.93 -16.82
CA HIS A 529 43.48 32.43 -18.08
C HIS A 529 44.39 31.36 -18.74
N LYS A 530 43.87 30.75 -19.80
CA LYS A 530 44.48 29.67 -20.61
C LYS A 530 45.81 30.17 -21.22
N LYS A 531 46.90 30.19 -20.40
CA LYS A 531 48.10 31.07 -20.55
C LYS A 531 47.62 32.52 -20.69
N ASN A 532 47.76 33.41 -19.70
CA ASN A 532 48.75 33.46 -18.59
C ASN A 532 48.62 32.66 -17.27
N GLY A 533 47.64 31.75 -17.15
CA GLY A 533 47.39 31.02 -15.88
C GLY A 533 46.92 31.81 -14.65
N ASN A 534 46.46 33.07 -14.84
CA ASN A 534 45.69 33.81 -13.80
C ASN A 534 44.35 33.10 -13.56
N LYS A 535 43.96 33.04 -12.30
CA LYS A 535 42.84 32.24 -11.87
C LYS A 535 41.93 33.07 -10.96
N VAL A 536 40.62 32.98 -11.15
CA VAL A 536 39.67 33.52 -10.15
C VAL A 536 38.80 32.38 -9.60
N THR A 537 38.76 32.23 -8.27
CA THR A 537 37.97 31.19 -7.62
C THR A 537 36.44 31.35 -7.79
N PHE A 538 35.71 30.24 -7.56
CA PHE A 538 34.22 30.23 -7.57
C PHE A 538 33.66 31.35 -6.68
N ASN A 539 34.07 31.35 -5.41
CA ASN A 539 33.62 32.34 -4.47
C ASN A 539 33.93 33.82 -4.87
N GLU A 540 35.12 34.06 -5.46
CA GLU A 540 35.45 35.40 -5.97
C GLU A 540 34.59 35.77 -7.17
N ILE A 541 34.31 34.84 -8.06
CA ILE A 541 33.40 35.15 -9.17
C ILE A 541 32.00 35.63 -8.65
N VAL A 542 31.52 34.90 -7.63
CA VAL A 542 30.18 35.10 -7.08
C VAL A 542 30.15 36.48 -6.42
N LYS A 543 31.09 36.78 -5.52
CA LYS A 543 31.09 38.13 -4.90
C LYS A 543 31.18 39.32 -5.86
N ASN A 544 32.00 39.13 -6.88
CA ASN A 544 32.12 40.08 -7.96
C ASN A 544 30.87 40.16 -8.82
N ALA A 545 30.15 39.05 -9.00
CA ALA A 545 28.86 39.18 -9.73
C ALA A 545 27.88 40.12 -9.03
N PHE A 546 27.83 40.04 -7.70
CA PHE A 546 26.97 40.91 -6.93
C PHE A 546 27.45 42.38 -7.03
N LYS A 547 28.75 42.62 -6.86
CA LYS A 547 29.31 44.00 -6.99
C LYS A 547 29.07 44.63 -8.37
N MET A 548 29.09 43.81 -9.40
CA MET A 548 28.83 44.23 -10.77
C MET A 548 27.34 44.32 -11.13
N GLY A 549 26.46 44.13 -10.14
CA GLY A 549 24.98 44.08 -10.37
C GLY A 549 24.56 42.96 -11.31
N GLU A 550 25.25 41.83 -11.27
CA GLU A 550 24.96 40.72 -12.14
C GLU A 550 24.37 39.52 -11.33
N SER A 551 23.15 39.13 -11.64
CA SER A 551 22.47 38.12 -10.87
C SER A 551 22.90 36.69 -11.28
N LEU A 552 23.10 35.82 -10.28
CA LEU A 552 23.39 34.41 -10.48
C LEU A 552 22.18 33.57 -9.98
N ASP A 553 21.01 33.96 -10.39
CA ASP A 553 19.78 33.23 -10.07
C ASP A 553 19.15 33.03 -11.44
N THR A 554 18.99 31.80 -11.89
CA THR A 554 18.49 31.60 -13.23
C THR A 554 17.44 30.52 -13.33
N THR A 555 16.49 30.71 -14.22
CA THR A 555 15.36 29.81 -14.35
C THR A 555 15.29 29.35 -15.79
N ALA A 556 15.16 28.05 -16.00
CA ALA A 556 15.07 27.51 -17.35
C ALA A 556 13.74 26.81 -17.47
N ILE A 557 13.15 26.86 -18.64
CA ILE A 557 11.91 26.15 -18.83
C ILE A 557 12.32 25.28 -20.00
N TYR A 558 12.15 23.98 -19.83
CA TYR A 558 12.36 23.02 -20.91
C TYR A 558 11.01 22.67 -21.54
N ASN A 559 10.71 23.27 -22.69
CA ASN A 559 9.47 23.01 -23.43
C ASN A 559 9.63 21.64 -24.11
N VAL A 560 8.63 20.79 -24.05
CA VAL A 560 8.80 19.43 -24.62
C VAL A 560 8.27 19.42 -26.08
N LYS A 561 9.19 19.42 -27.04
CA LYS A 561 8.83 19.36 -28.46
C LYS A 561 8.65 17.93 -28.99
N GLN A 562 9.24 16.94 -28.36
CA GLN A 562 9.23 15.57 -28.89
C GLN A 562 8.03 14.85 -28.37
N PRO A 563 7.60 13.80 -29.09
CA PRO A 563 6.54 13.06 -28.50
C PRO A 563 7.06 12.15 -27.30
N PRO A 564 6.13 11.50 -26.57
CA PRO A 564 6.61 10.70 -25.43
C PRO A 564 7.74 9.70 -25.88
N THR A 565 8.83 9.61 -25.12
CA THR A 565 9.90 8.63 -25.34
C THR A 565 9.50 7.27 -24.78
N THR A 566 9.90 6.20 -25.49
CA THR A 566 9.31 4.86 -25.23
C THR A 566 10.35 3.82 -24.73
N PRO A 567 10.35 3.46 -23.40
CA PRO A 567 11.22 2.33 -22.97
C PRO A 567 10.49 1.06 -23.30
N TYR A 568 11.20 -0.07 -23.17
CA TYR A 568 10.65 -1.39 -23.48
C TYR A 568 11.47 -2.40 -22.69
N GLY A 569 10.95 -3.61 -22.50
CA GLY A 569 11.77 -4.66 -21.95
C GLY A 569 11.08 -5.98 -21.93
N VAL A 570 11.74 -6.96 -21.33
CA VAL A 570 11.16 -8.30 -21.19
C VAL A 570 11.34 -8.74 -19.71
N HIS A 571 10.30 -9.35 -19.12
CA HIS A 571 10.32 -9.69 -17.73
C HIS A 571 9.92 -11.14 -17.74
N LEU A 572 10.32 -11.85 -16.68
CA LEU A 572 10.18 -13.27 -16.60
C LEU A 572 9.97 -13.66 -15.16
N ALA A 573 9.11 -14.63 -14.93
CA ALA A 573 8.89 -15.10 -13.58
C ALA A 573 8.83 -16.62 -13.55
N LEU A 574 9.14 -17.20 -12.41
CA LEU A 574 9.07 -18.64 -12.17
C LEU A 574 8.22 -18.76 -10.99
N VAL A 575 7.18 -19.55 -11.07
CA VAL A 575 6.25 -19.61 -9.92
C VAL A 575 5.96 -21.04 -9.62
N LYS A 576 5.30 -21.29 -8.48
CA LYS A 576 4.78 -22.57 -8.07
C LYS A 576 3.40 -22.36 -7.47
N VAL A 577 2.52 -23.32 -7.60
CA VAL A 577 1.19 -23.23 -6.99
C VAL A 577 1.13 -24.44 -6.13
N ASP A 578 0.55 -24.35 -4.93
CA ASP A 578 0.55 -25.50 -4.02
C ASP A 578 -0.83 -26.07 -4.00
N GLY A 579 -1.05 -27.05 -3.12
CA GLY A 579 -2.36 -27.69 -3.05
C GLY A 579 -3.49 -26.87 -2.46
N THR A 580 -3.19 -25.65 -2.01
CA THR A 580 -4.25 -24.73 -1.49
C THR A 580 -4.61 -23.70 -2.56
N GLY A 581 -3.87 -23.75 -3.65
CA GLY A 581 -4.04 -22.78 -4.71
C GLY A 581 -3.29 -21.47 -4.51
N LYS A 582 -2.37 -21.45 -3.54
CA LYS A 582 -1.51 -20.30 -3.31
C LYS A 582 -0.34 -20.29 -4.26
N VAL A 583 -0.06 -19.13 -4.80
CA VAL A 583 1.00 -18.92 -5.74
C VAL A 583 2.24 -18.41 -5.03
N PHE A 584 3.41 -18.96 -5.33
CA PHE A 584 4.68 -18.49 -4.76
C PHE A 584 5.51 -18.10 -5.93
N VAL A 585 6.07 -16.89 -5.91
CA VAL A 585 6.97 -16.47 -6.98
C VAL A 585 8.42 -16.69 -6.53
N LYS A 586 9.13 -17.60 -7.20
CA LYS A 586 10.53 -17.97 -6.86
C LYS A 586 11.54 -17.02 -7.32
N LYS A 587 11.37 -16.60 -8.58
CA LYS A 587 12.28 -15.68 -9.22
C LYS A 587 11.56 -14.81 -10.17
N TYR A 588 12.10 -13.61 -10.32
CA TYR A 588 11.57 -12.67 -11.25
C TYR A 588 12.79 -12.03 -11.85
N VAL A 589 12.84 -11.96 -13.18
CA VAL A 589 13.88 -11.21 -13.86
C VAL A 589 13.27 -10.08 -14.71
N ALA A 590 13.86 -8.88 -14.65
CA ALA A 590 13.41 -7.75 -15.47
C ALA A 590 14.59 -7.36 -16.31
N VAL A 591 14.35 -7.26 -17.61
CA VAL A 591 15.38 -6.65 -18.45
C VAL A 591 14.78 -5.42 -19.08
N ASP A 592 15.27 -4.23 -18.78
CA ASP A 592 14.65 -2.98 -19.28
C ASP A 592 15.56 -2.13 -20.13
N ASP A 593 15.00 -1.41 -21.08
CA ASP A 593 15.83 -0.40 -21.71
C ASP A 593 15.13 0.94 -21.50
N VAL A 594 15.70 1.74 -20.62
CA VAL A 594 15.10 3.04 -20.26
C VAL A 594 15.97 4.19 -20.65
N GLY A 595 16.75 3.99 -21.71
CA GLY A 595 17.68 5.04 -22.14
C GLY A 595 18.83 5.17 -21.13
N THR A 596 19.55 6.31 -21.17
CA THR A 596 20.51 6.63 -20.10
C THR A 596 19.92 6.41 -18.70
N VAL A 597 20.58 5.60 -17.87
CA VAL A 597 20.18 5.42 -16.49
C VAL A 597 20.94 6.45 -15.66
N ILE A 598 20.21 7.41 -15.07
CA ILE A 598 20.84 8.48 -14.24
C ILE A 598 21.37 7.90 -12.92
N ASN A 599 20.65 6.95 -12.39
CA ASN A 599 20.96 6.41 -11.07
C ASN A 599 20.40 4.98 -10.99
N PRO A 600 21.30 3.98 -11.21
CA PRO A 600 20.87 2.56 -11.22
C PRO A 600 20.29 2.09 -9.93
N LEU A 601 20.74 2.63 -8.79
CA LEU A 601 20.15 2.20 -7.52
C LEU A 601 18.62 2.56 -7.42
N LEU A 602 18.31 3.79 -7.78
CA LEU A 602 16.95 4.42 -7.72
C LEU A 602 16.11 3.88 -8.85
N ALA A 603 16.73 3.68 -10.02
CA ALA A 603 16.00 3.07 -11.13
C ALA A 603 15.53 1.67 -10.81
N GLU A 604 16.40 0.88 -10.21
CA GLU A 604 16.05 -0.51 -9.79
C GLU A 604 15.01 -0.45 -8.68
N GLY A 605 15.22 0.53 -7.79
CA GLY A 605 14.24 0.73 -6.71
C GLY A 605 12.82 0.95 -7.31
N GLN A 606 12.73 1.76 -8.35
CA GLN A 606 11.41 1.98 -9.08
C GLN A 606 10.90 0.71 -9.77
N ALA A 607 11.83 -0.01 -10.47
CA ALA A 607 11.46 -1.28 -11.10
C ALA A 607 10.87 -2.23 -10.08
N ILE A 608 11.56 -2.42 -8.97
CA ILE A 608 11.08 -3.33 -7.98
C ILE A 608 9.74 -2.89 -7.38
N GLY A 609 9.61 -1.63 -6.92
CA GLY A 609 8.30 -1.18 -6.39
C GLY A 609 7.12 -1.44 -7.36
N GLY A 610 7.32 -1.10 -8.64
CA GLY A 610 6.29 -1.36 -9.68
C GLY A 610 5.99 -2.80 -9.91
N ILE A 611 7.06 -3.59 -10.01
CA ILE A 611 6.93 -5.04 -10.13
C ILE A 611 6.05 -5.65 -9.06
N VAL A 612 6.24 -5.23 -7.81
CA VAL A 612 5.45 -5.82 -6.74
C VAL A 612 3.99 -5.37 -6.79
N GLN A 613 3.75 -4.10 -7.15
CA GLN A 613 2.33 -3.68 -7.44
C GLN A 613 1.68 -4.51 -8.58
N GLY A 614 2.41 -4.67 -9.68
CA GLY A 614 1.89 -5.46 -10.85
C GLY A 614 1.62 -6.91 -10.45
N MET A 615 2.50 -7.50 -9.60
CA MET A 615 2.30 -8.90 -9.14
C MET A 615 1.09 -8.97 -8.23
N ALA A 616 0.96 -7.97 -7.34
CA ALA A 616 -0.15 -7.92 -6.38
C ALA A 616 -1.53 -7.81 -7.13
N GLN A 617 -1.56 -7.04 -8.22
CA GLN A 617 -2.79 -6.96 -9.06
C GLN A 617 -3.17 -8.38 -9.62
N ALA A 618 -2.15 -9.06 -10.18
CA ALA A 618 -2.31 -10.48 -10.68
C ALA A 618 -2.76 -11.42 -9.57
N LEU A 619 -2.16 -11.29 -8.40
CA LEU A 619 -2.33 -12.34 -7.38
C LEU A 619 -3.14 -11.99 -6.16
N LEU A 620 -3.29 -10.70 -5.83
CA LEU A 620 -3.88 -10.40 -4.50
C LEU A 620 -5.03 -9.44 -4.56
N GLU A 621 -4.80 -8.31 -5.22
CA GLU A 621 -5.68 -7.15 -5.07
C GLU A 621 -6.93 -7.21 -5.97
N GLY A 622 -8.00 -6.51 -5.56
CA GLY A 622 -9.16 -6.21 -6.41
C GLY A 622 -10.21 -5.40 -5.70
N ALA A 623 -10.73 -4.41 -6.40
CA ALA A 623 -11.77 -3.61 -5.73
C ALA A 623 -13.13 -4.10 -6.30
N PHE A 624 -13.92 -4.76 -5.46
CA PHE A 624 -15.21 -5.24 -5.82
C PHE A 624 -16.35 -4.69 -4.94
N PHE A 625 -17.53 -4.54 -5.57
CA PHE A 625 -18.74 -3.96 -4.94
C PHE A 625 -19.80 -4.99 -4.73
N ASP A 626 -20.51 -4.96 -3.64
CA ASP A 626 -21.66 -5.83 -3.57
C ASP A 626 -22.79 -5.20 -4.46
N GLU A 627 -23.91 -5.87 -4.57
CA GLU A 627 -24.92 -5.42 -5.51
C GLU A 627 -25.71 -4.18 -5.01
N ASN A 628 -25.57 -3.81 -3.74
CA ASN A 628 -25.93 -2.46 -3.24
C ASN A 628 -24.92 -1.36 -3.54
N GLY A 629 -23.91 -1.64 -4.39
CA GLY A 629 -22.86 -0.67 -4.74
C GLY A 629 -21.94 -0.30 -3.57
N GLN A 630 -21.83 -1.15 -2.52
CA GLN A 630 -20.88 -0.99 -1.40
C GLN A 630 -19.58 -1.73 -1.73
N LEU A 631 -18.49 -1.00 -1.64
CA LEU A 631 -17.15 -1.57 -1.80
C LEU A 631 -16.96 -2.62 -0.72
N LEU A 632 -16.61 -3.84 -1.10
CA LEU A 632 -16.45 -5.00 -0.17
C LEU A 632 -15.11 -4.92 0.58
N THR A 633 -14.15 -4.18 0.04
CA THR A 633 -12.79 -4.23 0.60
C THR A 633 -12.35 -2.83 1.07
N THR A 634 -12.58 -2.51 2.32
CA THR A 634 -12.39 -1.12 2.70
C THR A 634 -11.30 -0.92 3.82
N ASN A 635 -10.39 -1.89 3.97
CA ASN A 635 -9.29 -1.80 4.95
C ASN A 635 -8.17 -2.68 4.52
N PHE A 636 -6.99 -2.53 5.15
CA PHE A 636 -5.81 -3.29 4.76
C PHE A 636 -5.88 -4.78 5.09
N GLN A 637 -6.87 -5.21 5.86
CA GLN A 637 -7.15 -6.65 6.03
C GLN A 637 -7.86 -7.13 4.77
N ASP A 638 -8.98 -6.49 4.37
CA ASP A 638 -9.77 -6.99 3.20
C ASP A 638 -9.27 -6.54 1.82
N TYR A 639 -8.47 -5.47 1.76
CA TYR A 639 -7.80 -5.10 0.51
C TYR A 639 -6.31 -5.46 0.67
N PRO A 640 -5.91 -6.65 0.19
CA PRO A 640 -4.65 -7.26 0.67
C PRO A 640 -3.40 -6.79 -0.04
N ILE A 641 -2.90 -5.59 0.27
CA ILE A 641 -1.63 -5.22 -0.38
C ILE A 641 -0.53 -6.19 0.21
N PRO A 642 0.52 -6.50 -0.56
CA PRO A 642 1.44 -7.54 -0.02
C PRO A 642 2.31 -7.09 1.18
N THR A 643 2.50 -7.99 2.14
CA THR A 643 3.62 -7.89 3.08
C THR A 643 4.93 -8.36 2.46
N ALA A 644 6.04 -8.30 3.23
CA ALA A 644 7.33 -8.79 2.81
C ALA A 644 7.32 -10.33 2.52
N VAL A 645 6.40 -11.05 3.13
CA VAL A 645 6.28 -12.44 2.86
C VAL A 645 5.79 -12.69 1.40
N GLU A 646 4.95 -11.82 0.84
CA GLU A 646 4.40 -12.15 -0.48
C GLU A 646 5.26 -11.70 -1.67
N ILE A 647 6.53 -11.42 -1.53
CA ILE A 647 7.27 -10.93 -2.64
C ILE A 647 8.07 -12.07 -3.25
N PRO A 648 8.50 -11.92 -4.52
CA PRO A 648 9.41 -12.89 -5.05
C PRO A 648 10.65 -13.00 -4.14
N GLU A 649 11.08 -14.21 -3.88
CA GLU A 649 12.30 -14.42 -3.11
C GLU A 649 13.48 -13.60 -3.61
N LYS A 650 13.56 -13.41 -4.92
CA LYS A 650 14.53 -12.53 -5.49
C LYS A 650 13.99 -11.88 -6.77
N ILE A 651 14.33 -10.60 -6.96
CA ILE A 651 14.02 -9.92 -8.19
C ILE A 651 15.33 -9.42 -8.69
N ASP A 652 15.75 -9.87 -9.86
CA ASP A 652 16.97 -9.33 -10.47
C ASP A 652 16.58 -8.34 -11.54
N TRP A 653 17.17 -7.16 -11.47
CA TRP A 653 16.92 -6.14 -12.41
C TRP A 653 18.17 -5.87 -13.24
N TYR A 654 18.00 -5.90 -14.56
CA TYR A 654 19.06 -5.51 -15.51
C TYR A 654 18.63 -4.40 -16.52
N TYR A 655 19.55 -3.56 -16.92
CA TYR A 655 19.20 -2.63 -17.96
C TYR A 655 20.17 -2.71 -19.12
N GLU A 656 19.71 -2.33 -20.31
CA GLU A 656 20.58 -2.16 -21.51
C GLU A 656 20.28 -0.81 -22.07
N ILE A 657 21.31 -0.08 -22.49
CA ILE A 657 21.09 1.17 -23.15
C ILE A 657 21.34 1.00 -24.64
N LEU A 658 20.28 0.61 -25.36
CA LEU A 658 20.31 0.49 -26.86
C LEU A 658 19.60 1.70 -27.51
N GLY A 659 18.67 2.31 -26.78
CA GLY A 659 17.91 3.47 -27.30
C GLY A 659 17.79 4.54 -26.22
N LYS A 660 18.44 5.68 -26.45
CA LYS A 660 18.28 6.93 -25.65
C LYS A 660 17.08 7.77 -26.15
N SER A 661 16.60 8.64 -25.27
CA SER A 661 15.50 9.52 -25.61
C SER A 661 16.10 10.68 -26.39
N PRO A 662 15.28 11.50 -27.07
CA PRO A 662 15.94 12.70 -27.69
C PRO A 662 16.27 13.83 -26.68
N HIS A 663 15.91 13.67 -25.40
CA HIS A 663 16.08 14.76 -24.42
C HIS A 663 17.54 14.90 -23.97
N PRO A 664 17.91 16.09 -23.48
CA PRO A 664 19.30 16.31 -23.07
C PRO A 664 19.81 15.32 -22.00
N THR A 665 18.93 14.65 -21.29
CA THR A 665 19.40 13.67 -20.32
C THR A 665 19.66 12.31 -21.01
N GLY A 666 19.07 12.10 -22.20
CA GLY A 666 19.04 10.76 -22.86
C GLY A 666 18.16 9.68 -22.21
N SER A 667 17.52 10.04 -21.09
CA SER A 667 16.78 9.08 -20.27
C SER A 667 15.29 8.92 -20.70
N LYS A 668 14.70 7.77 -20.41
CA LYS A 668 13.29 7.54 -20.54
C LYS A 668 12.82 7.17 -19.13
N GLY A 669 11.50 7.22 -18.92
CA GLY A 669 10.94 6.90 -17.65
C GLY A 669 10.83 5.45 -17.31
N ILE A 670 11.06 5.15 -16.03
CA ILE A 670 10.86 3.81 -15.50
C ILE A 670 9.84 3.77 -14.35
N GLY A 671 9.36 4.95 -13.90
CA GLY A 671 8.46 4.95 -12.69
C GLY A 671 7.33 3.97 -12.80
N GLU A 672 6.84 3.77 -14.03
CA GLU A 672 5.65 2.92 -14.25
C GLU A 672 5.83 1.53 -14.85
N ALA A 673 6.95 1.32 -15.58
CA ALA A 673 7.36 0.10 -16.33
C ALA A 673 7.21 -1.21 -15.56
N GLY A 674 7.68 -1.25 -14.31
CA GLY A 674 7.51 -2.43 -13.45
C GLY A 674 6.09 -2.88 -13.29
N ALA A 675 5.18 -1.88 -13.10
CA ALA A 675 3.79 -2.26 -12.84
C ALA A 675 3.19 -2.72 -14.18
N ILE A 676 3.64 -2.12 -15.30
CA ILE A 676 3.10 -2.51 -16.61
C ILE A 676 3.48 -4.00 -16.91
N ALA A 677 4.78 -4.33 -16.82
CA ALA A 677 5.28 -5.69 -17.12
C ALA A 677 4.88 -6.79 -16.21
N ALA A 678 4.75 -6.54 -14.90
CA ALA A 678 4.68 -7.68 -13.95
C ALA A 678 3.39 -8.44 -13.98
N THR A 679 2.27 -7.71 -14.20
CA THR A 679 0.97 -8.35 -14.19
C THR A 679 0.85 -9.46 -15.23
N PRO A 680 0.99 -9.16 -16.50
CA PRO A 680 0.87 -10.32 -17.42
C PRO A 680 2.08 -11.34 -17.27
N THR A 681 3.28 -10.85 -16.89
CA THR A 681 4.40 -11.81 -16.62
C THR A 681 3.95 -12.88 -15.65
N ILE A 682 3.35 -12.43 -14.56
CA ILE A 682 2.93 -13.31 -13.46
C ILE A 682 1.72 -14.17 -13.87
N ILE A 683 0.72 -13.53 -14.52
CA ILE A 683 -0.40 -14.29 -15.00
C ILE A 683 0.07 -15.37 -16.05
N ASN A 684 0.96 -15.01 -16.97
CA ASN A 684 1.43 -16.01 -17.95
C ASN A 684 2.07 -17.20 -17.25
N ALA A 685 2.90 -16.89 -16.24
CA ALA A 685 3.53 -17.91 -15.37
C ALA A 685 2.51 -18.81 -14.75
N VAL A 686 1.50 -18.24 -14.10
CA VAL A 686 0.53 -19.07 -13.37
C VAL A 686 -0.24 -19.94 -14.36
N GLU A 687 -0.44 -19.39 -15.56
CA GLU A 687 -1.28 -20.06 -16.52
C GLU A 687 -0.57 -21.32 -16.98
N GLN A 688 0.74 -21.21 -17.25
CA GLN A 688 1.62 -22.36 -17.52
C GLN A 688 1.48 -23.44 -16.49
N CYS A 689 1.37 -23.11 -15.20
CA CYS A 689 1.12 -24.12 -14.14
C CYS A 689 -0.29 -24.71 -14.06
N ILE A 690 -1.31 -24.22 -14.75
CA ILE A 690 -2.63 -24.72 -14.27
C ILE A 690 -3.49 -25.80 -14.90
N LYS A 691 -3.64 -25.91 -16.19
CA LYS A 691 -3.29 -25.00 -17.21
C LYS A 691 -4.72 -24.93 -17.79
N LYS A 692 -5.48 -23.92 -17.33
CA LYS A 692 -6.68 -23.45 -17.97
C LYS A 692 -6.37 -22.01 -18.33
N ARG A 693 -7.21 -21.44 -19.17
CA ARG A 693 -7.06 -20.07 -19.54
C ARG A 693 -7.40 -19.18 -18.32
N ILE A 694 -6.55 -18.22 -18.05
CA ILE A 694 -6.90 -17.18 -17.01
C ILE A 694 -7.46 -15.91 -17.68
N THR A 695 -8.69 -15.54 -17.33
CA THR A 695 -9.41 -14.45 -18.02
C THR A 695 -9.62 -13.26 -17.10
N LYS A 696 -9.46 -13.48 -15.79
CA LYS A 696 -9.68 -12.39 -14.83
C LYS A 696 -8.67 -12.40 -13.67
N MET A 697 -8.52 -11.26 -12.97
CA MET A 697 -7.63 -11.16 -11.81
C MET A 697 -8.38 -10.53 -10.62
N PRO A 698 -7.91 -10.63 -9.36
CA PRO A 698 -6.75 -11.44 -8.98
C PRO A 698 -7.06 -12.98 -9.24
N VAL A 699 -6.02 -13.81 -9.38
CA VAL A 699 -6.26 -15.24 -9.45
C VAL A 699 -6.65 -15.69 -8.06
N LYS A 700 -7.85 -16.19 -7.89
CA LYS A 700 -8.22 -16.66 -6.56
C LYS A 700 -7.65 -18.08 -6.24
N PHE A 701 -7.36 -18.35 -4.96
CA PHE A 701 -6.97 -19.67 -4.49
C PHE A 701 -7.88 -20.79 -5.07
N GLU A 702 -9.20 -20.62 -4.90
CA GLU A 702 -10.20 -21.65 -5.35
C GLU A 702 -10.23 -21.89 -6.85
N GLU A 703 -9.71 -20.95 -7.64
CA GLU A 703 -9.62 -21.10 -9.08
C GLU A 703 -8.41 -21.94 -9.48
N LEU A 704 -7.53 -22.26 -8.53
CA LEU A 704 -6.30 -22.95 -8.81
C LEU A 704 -6.19 -24.34 -8.08
N VAL A 705 -7.32 -24.95 -7.75
CA VAL A 705 -7.28 -26.15 -6.97
C VAL A 705 -7.98 -27.27 -7.73
N MET B 1 -12.08 5.02 13.37
CA MET B 1 -10.70 5.44 13.76
C MET B 1 -10.70 5.95 15.19
N TYR B 2 -11.72 6.74 15.59
CA TYR B 2 -11.72 7.50 16.85
C TYR B 2 -12.74 6.79 17.70
N PRO B 3 -12.34 6.22 18.86
CA PRO B 3 -13.35 5.63 19.77
C PRO B 3 -14.44 6.66 20.15
N PRO B 4 -15.58 6.16 20.67
CA PRO B 4 -16.54 7.04 21.30
C PRO B 4 -16.03 7.35 22.71
N LYS B 5 -16.65 8.35 23.36
CA LYS B 5 -16.26 8.72 24.76
C LYS B 5 -16.66 7.60 25.67
N PHE B 6 -15.84 7.31 26.66
CA PHE B 6 -16.18 6.34 27.63
C PHE B 6 -15.37 6.69 28.88
N GLY B 7 -15.86 6.24 30.05
CA GLY B 7 -15.12 6.37 31.27
C GLY B 7 -14.11 5.25 31.37
N TYR B 8 -13.21 5.36 32.34
CA TYR B 8 -12.13 4.45 32.51
C TYR B 8 -11.85 4.25 33.99
N VAL B 9 -11.49 3.01 34.33
CA VAL B 9 -11.25 2.57 35.72
C VAL B 9 -9.91 1.89 35.79
N ILE B 10 -9.10 2.32 36.76
CA ILE B 10 -7.84 1.68 37.04
C ILE B 10 -8.02 1.16 38.47
N PRO B 11 -8.39 -0.12 38.62
CA PRO B 11 -8.63 -0.71 39.95
C PRO B 11 -7.32 -1.15 40.62
N ASP B 12 -7.27 -1.08 41.95
CA ASP B 12 -6.09 -1.49 42.75
C ASP B 12 -5.77 -2.98 42.69
N ASN B 13 -6.81 -3.79 42.55
CA ASN B 13 -6.65 -5.26 42.59
C ASN B 13 -7.86 -5.88 41.95
N LEU B 14 -7.76 -7.20 41.72
CA LEU B 14 -8.81 -8.01 41.08
C LEU B 14 -10.20 -7.80 41.66
N ASN B 15 -10.27 -7.90 42.99
CA ASN B 15 -11.53 -7.74 43.71
C ASN B 15 -12.23 -6.45 43.24
N GLU B 16 -11.46 -5.35 43.22
CA GLU B 16 -12.05 -4.09 42.77
C GLU B 16 -12.53 -4.19 41.35
N ALA B 17 -11.70 -4.74 40.46
CA ALA B 17 -12.12 -4.86 39.03
C ALA B 17 -13.48 -5.58 38.92
N LEU B 18 -13.58 -6.75 39.58
CA LEU B 18 -14.80 -7.58 39.56
C LEU B 18 -16.03 -6.78 40.00
N GLU B 19 -15.91 -6.07 41.12
CA GLU B 19 -17.04 -5.31 41.68
C GLU B 19 -17.55 -4.23 40.71
N PHE B 20 -16.61 -3.46 40.16
CA PHE B 20 -16.98 -2.44 39.18
C PHE B 20 -17.71 -3.06 38.02
N LEU B 21 -17.21 -4.20 37.53
CA LEU B 21 -17.88 -4.92 36.42
C LEU B 21 -19.24 -5.49 36.77
N GLU B 22 -19.36 -6.00 38.02
CA GLU B 22 -20.66 -6.47 38.58
C GLU B 22 -21.66 -5.35 38.42
N GLU B 23 -21.38 -4.24 39.11
CA GLU B 23 -22.26 -3.07 39.17
C GLU B 23 -22.45 -2.29 37.88
N HIS B 24 -21.52 -2.43 36.94
CA HIS B 24 -21.66 -1.74 35.65
C HIS B 24 -21.70 -2.73 34.48
N GLN B 25 -22.91 -3.19 34.23
CA GLN B 25 -23.21 -4.27 33.32
C GLN B 25 -22.49 -4.10 32.01
N ASP B 26 -22.31 -2.86 31.57
CA ASP B 26 -21.85 -2.64 30.22
C ASP B 26 -20.44 -2.00 30.14
N ALA B 27 -19.72 -2.05 31.25
CA ALA B 27 -18.31 -1.77 31.28
C ALA B 27 -17.57 -2.98 30.70
N ARG B 28 -16.51 -2.76 29.93
CA ARG B 28 -15.72 -3.86 29.33
C ARG B 28 -14.32 -3.84 29.94
N PRO B 29 -13.77 -5.00 30.33
CA PRO B 29 -12.38 -4.96 30.76
C PRO B 29 -11.39 -4.91 29.58
N LEU B 30 -10.19 -4.37 29.82
CA LEU B 30 -9.16 -4.18 28.78
C LEU B 30 -7.99 -5.01 29.14
N ALA B 31 -7.62 -5.95 28.26
CA ALA B 31 -6.38 -6.70 28.38
C ALA B 31 -5.34 -6.18 27.37
N GLY B 32 -5.07 -6.94 26.32
CA GLY B 32 -4.05 -6.54 25.32
C GLY B 32 -4.68 -5.50 24.38
N GLY B 33 -6.01 -5.38 24.44
CA GLY B 33 -6.78 -4.40 23.67
C GLY B 33 -6.81 -4.60 22.17
N HIS B 34 -6.24 -5.69 21.66
CA HIS B 34 -6.14 -5.88 20.23
C HIS B 34 -7.36 -6.46 19.55
N SER B 35 -8.45 -6.58 20.27
CA SER B 35 -9.73 -6.77 19.69
C SER B 35 -10.68 -5.73 20.24
N LEU B 36 -10.57 -5.39 21.53
CA LEU B 36 -11.42 -4.32 22.08
C LEU B 36 -11.16 -2.93 21.40
N ILE B 37 -9.90 -2.53 21.31
CA ILE B 37 -9.62 -1.17 20.81
C ILE B 37 -10.02 -1.03 19.33
N PRO B 38 -9.69 -2.03 18.47
CA PRO B 38 -10.13 -1.92 17.08
C PRO B 38 -11.67 -1.77 16.97
N MET B 39 -12.42 -2.46 17.82
CA MET B 39 -13.89 -2.35 17.88
C MET B 39 -14.36 -0.97 18.41
N LEU B 40 -13.68 -0.42 19.42
CA LEU B 40 -13.94 1.00 19.85
C LEU B 40 -13.73 1.92 18.69
N LYS B 41 -12.60 1.80 18.03
CA LYS B 41 -12.27 2.66 16.90
C LYS B 41 -13.30 2.66 15.73
N LEU B 42 -14.03 1.55 15.55
CA LEU B 42 -15.03 1.50 14.48
C LEU B 42 -16.42 1.79 15.02
N ARG B 43 -16.45 1.99 16.34
CA ARG B 43 -17.65 2.31 17.09
C ARG B 43 -18.72 1.22 17.00
N LEU B 44 -18.24 -0.02 16.96
CA LEU B 44 -19.11 -1.20 16.96
C LEU B 44 -19.49 -1.57 18.39
N ILE B 45 -18.87 -0.94 19.39
CA ILE B 45 -19.23 -1.10 20.80
C ILE B 45 -19.16 0.27 21.45
N ARG B 46 -19.96 0.49 22.48
CA ARG B 46 -20.07 1.78 23.16
C ARG B 46 -20.26 1.55 24.63
N PRO B 47 -19.21 1.09 25.33
CA PRO B 47 -19.40 0.82 26.73
C PRO B 47 -19.34 2.12 27.52
N SER B 48 -19.83 2.10 28.76
CA SER B 48 -19.86 3.26 29.63
C SER B 48 -18.48 3.43 30.20
N TYR B 49 -17.84 2.29 30.50
CA TYR B 49 -16.53 2.28 31.09
C TYR B 49 -15.64 1.20 30.48
N ILE B 50 -14.37 1.49 30.38
CA ILE B 50 -13.42 0.45 30.12
C ILE B 50 -12.70 0.26 31.46
N VAL B 51 -12.59 -1.00 31.91
CA VAL B 51 -11.91 -1.31 33.17
C VAL B 51 -10.54 -1.94 32.85
N GLU B 52 -9.48 -1.35 33.37
CA GLU B 52 -8.13 -1.79 33.00
C GLU B 52 -7.66 -2.95 33.90
N ILE B 53 -7.46 -4.14 33.33
CA ILE B 53 -7.04 -5.30 34.14
C ILE B 53 -5.60 -5.63 33.93
N ARG B 54 -4.98 -4.92 32.98
CA ARG B 54 -3.63 -5.19 32.44
C ARG B 54 -2.54 -5.22 33.46
N ARG B 55 -2.67 -4.45 34.55
CA ARG B 55 -1.56 -4.35 35.51
C ARG B 55 -1.56 -5.42 36.60
N PHE B 56 -2.52 -6.35 36.55
CA PHE B 56 -2.58 -7.51 37.50
C PHE B 56 -1.57 -8.56 37.08
N SER B 57 -0.35 -8.40 37.47
CA SER B 57 0.69 -9.18 36.83
C SER B 57 0.71 -10.66 37.26
N ASN B 58 0.05 -10.98 38.37
CA ASN B 58 -0.02 -12.36 38.81
C ASN B 58 -1.05 -13.12 37.90
N LEU B 59 -1.76 -12.42 36.99
CA LEU B 59 -2.52 -13.06 35.92
C LEU B 59 -1.72 -13.40 34.64
N SER B 60 -0.42 -13.16 34.69
CA SER B 60 0.40 -13.56 33.58
C SER B 60 1.42 -14.59 34.06
N TYR B 61 1.34 -15.82 33.55
CA TYR B 61 2.22 -16.93 34.01
C TYR B 61 2.01 -18.23 33.23
N ILE B 62 3.07 -19.00 32.99
CA ILE B 62 2.94 -20.40 32.48
C ILE B 62 3.38 -21.33 33.63
N THR B 63 2.47 -22.12 34.18
CA THR B 63 2.86 -23.06 35.24
C THR B 63 2.55 -24.51 34.84
N LYS B 64 3.55 -25.39 34.92
CA LYS B 64 3.39 -26.84 34.84
C LYS B 64 3.13 -27.42 36.23
N ASP B 65 1.89 -27.83 36.46
CA ASP B 65 1.33 -28.22 37.76
C ASP B 65 0.88 -29.70 37.65
N GLY B 66 1.84 -30.60 37.83
CA GLY B 66 1.65 -32.01 37.54
C GLY B 66 1.68 -32.27 36.03
N ASN B 67 0.55 -32.76 35.54
CA ASN B 67 0.33 -33.00 34.12
C ASN B 67 -0.70 -31.96 33.54
N LEU B 68 -0.72 -30.78 34.16
CA LEU B 68 -1.43 -29.61 33.63
C LEU B 68 -0.44 -28.48 33.46
N TYR B 69 -0.53 -27.78 32.35
CA TYR B 69 -0.06 -26.40 32.26
C TYR B 69 -1.19 -25.47 32.67
N LYS B 70 -0.87 -24.53 33.59
CA LYS B 70 -1.79 -23.48 33.97
C LYS B 70 -1.24 -22.15 33.42
N ILE B 71 -2.13 -21.44 32.71
CA ILE B 71 -1.71 -20.31 31.90
C ILE B 71 -2.51 -19.14 32.38
N GLY B 72 -1.84 -18.12 32.90
CA GLY B 72 -2.58 -16.92 33.35
C GLY B 72 -3.30 -16.26 32.19
N ALA B 73 -4.51 -15.76 32.41
CA ALA B 73 -5.23 -15.09 31.35
C ALA B 73 -4.50 -13.91 30.70
N LEU B 74 -3.61 -13.23 31.41
CA LEU B 74 -3.00 -12.04 30.85
C LEU B 74 -1.71 -12.40 30.12
N THR B 75 -1.38 -13.69 30.04
CA THR B 75 -0.21 -14.15 29.27
C THR B 75 -0.41 -13.87 27.82
N THR B 76 0.61 -13.25 27.23
CA THR B 76 0.53 -12.77 25.85
C THR B 76 0.86 -13.92 24.87
N HIS B 77 0.43 -13.73 23.63
CA HIS B 77 0.75 -14.64 22.53
C HIS B 77 2.21 -14.90 22.43
N TYR B 78 2.96 -13.81 22.56
CA TYR B 78 4.41 -13.90 22.40
C TYR B 78 4.98 -14.85 23.45
N ASN B 79 4.56 -14.69 24.70
CA ASN B 79 5.15 -15.50 25.80
C ASN B 79 4.73 -16.97 25.70
N ILE B 80 3.48 -17.22 25.40
CA ILE B 80 2.99 -18.58 25.11
C ILE B 80 3.81 -19.19 23.96
N SER B 81 4.06 -18.42 22.91
CA SER B 81 4.81 -18.92 21.77
C SER B 81 6.23 -19.32 22.12
N LYS B 82 6.70 -18.88 23.29
CA LYS B 82 8.11 -19.05 23.63
C LYS B 82 8.26 -20.11 24.68
N SER B 83 7.17 -20.70 25.11
CA SER B 83 7.20 -21.57 26.27
C SER B 83 6.99 -23.11 26.08
N SER B 84 7.24 -23.63 24.89
CA SER B 84 7.29 -25.12 24.74
C SER B 84 6.06 -25.93 25.20
N ILE B 85 4.86 -25.35 25.17
CA ILE B 85 3.67 -26.14 25.35
C ILE B 85 3.35 -26.81 24.02
N PRO B 86 3.26 -28.18 24.01
CA PRO B 86 2.98 -28.92 22.79
C PRO B 86 1.72 -28.39 22.12
N LEU B 87 1.78 -28.21 20.79
CA LEU B 87 0.67 -27.58 19.96
C LEU B 87 0.37 -26.07 20.23
N LEU B 88 0.12 -25.75 21.49
CA LEU B 88 -0.36 -24.45 21.90
C LEU B 88 0.66 -23.32 21.58
N SER B 89 1.92 -23.54 21.91
CA SER B 89 2.97 -22.58 21.60
C SER B 89 3.11 -22.32 20.13
N GLU B 90 3.12 -23.38 19.33
CA GLU B 90 3.21 -23.18 17.91
C GLU B 90 1.96 -22.44 17.37
N THR B 91 0.77 -22.76 17.88
CA THR B 91 -0.45 -22.10 17.49
C THR B 91 -0.38 -20.59 17.81
N ALA B 92 0.05 -20.22 19.03
CA ALA B 92 0.20 -18.80 19.44
C ALA B 92 1.10 -18.03 18.47
N SER B 93 2.20 -18.69 18.03
CA SER B 93 3.16 -18.21 17.01
C SER B 93 2.54 -17.71 15.72
N ASN B 94 1.46 -18.36 15.35
CA ASN B 94 0.78 -18.01 14.11
C ASN B 94 -0.14 -16.81 14.22
N ILE B 95 -0.46 -16.36 15.42
CA ILE B 95 -1.47 -15.31 15.58
C ILE B 95 -0.97 -13.99 14.98
N GLY B 96 -1.84 -13.32 14.22
CA GLY B 96 -1.46 -11.99 13.69
C GLY B 96 -0.03 -11.70 13.27
N ASP B 97 0.58 -10.64 13.82
CA ASP B 97 1.94 -10.27 13.41
C ASP B 97 2.71 -10.04 14.71
N PRO B 98 4.03 -9.78 14.65
CA PRO B 98 4.81 -9.68 15.88
C PRO B 98 4.25 -8.66 16.88
N GLN B 99 3.90 -7.47 16.38
CA GLN B 99 3.36 -6.41 17.25
C GLN B 99 2.11 -6.91 17.91
N VAL B 100 1.22 -7.54 17.11
CA VAL B 100 0.00 -8.11 17.68
C VAL B 100 0.30 -9.11 18.81
N ARG B 101 1.25 -10.00 18.57
CA ARG B 101 1.50 -11.04 19.57
C ARG B 101 2.19 -10.49 20.84
N ASN B 102 2.86 -9.36 20.68
CA ASN B 102 3.46 -8.68 21.83
C ASN B 102 2.45 -8.21 22.80
N MET B 103 1.20 -8.04 22.38
CA MET B 103 0.18 -7.48 23.29
C MET B 103 -1.02 -8.34 23.52
N GLY B 104 -1.47 -9.03 22.49
CA GLY B 104 -2.65 -9.87 22.62
C GLY B 104 -2.48 -10.92 23.72
N THR B 105 -3.56 -11.20 24.45
CA THR B 105 -3.53 -12.24 25.50
C THR B 105 -4.49 -13.41 25.24
N ILE B 106 -4.14 -14.58 25.78
CA ILE B 106 -5.01 -15.81 25.68
C ILE B 106 -6.38 -15.57 26.32
N GLY B 107 -6.44 -14.91 27.48
CA GLY B 107 -7.74 -14.55 28.12
C GLY B 107 -8.63 -13.67 27.22
N GLY B 108 -8.02 -12.70 26.53
CA GLY B 108 -8.83 -11.80 25.68
C GLY B 108 -9.21 -12.48 24.38
N SER B 109 -8.36 -13.37 23.85
CA SER B 109 -8.71 -14.05 22.56
C SER B 109 -9.96 -14.95 22.77
N ILE B 110 -9.94 -15.70 23.87
CA ILE B 110 -11.04 -16.62 24.14
C ILE B 110 -12.25 -15.91 24.71
N SER B 111 -12.08 -14.75 25.38
CA SER B 111 -13.27 -14.00 25.80
C SER B 111 -13.93 -13.30 24.61
N HIS B 112 -13.14 -13.07 23.57
CA HIS B 112 -13.65 -12.42 22.38
C HIS B 112 -14.36 -13.36 21.40
N LEU B 113 -13.77 -14.55 21.17
CA LEU B 113 -14.42 -15.63 20.35
C LEU B 113 -14.69 -15.34 18.89
N ASP B 114 -13.72 -14.73 18.22
CA ASP B 114 -13.80 -14.66 16.78
C ASP B 114 -13.76 -16.09 16.21
N PRO B 115 -14.73 -16.45 15.35
CA PRO B 115 -14.76 -17.82 14.83
C PRO B 115 -13.60 -18.18 13.89
N SER B 116 -12.72 -17.21 13.60
CA SER B 116 -11.50 -17.56 12.86
C SER B 116 -10.25 -17.45 13.67
N ALA B 117 -10.36 -17.27 14.98
CA ALA B 117 -9.17 -17.28 15.89
C ALA B 117 -8.33 -18.52 15.78
N ASP B 118 -7.05 -18.39 16.12
CA ASP B 118 -6.15 -19.54 16.15
C ASP B 118 -6.35 -20.45 17.38
N TYR B 119 -6.36 -19.88 18.58
CA TYR B 119 -6.30 -20.71 19.79
C TYR B 119 -7.39 -21.80 19.86
N PRO B 120 -8.66 -21.47 19.51
CA PRO B 120 -9.75 -22.45 19.73
C PRO B 120 -9.53 -23.77 19.00
N ALA B 121 -8.88 -23.77 17.86
CA ALA B 121 -8.55 -25.02 17.21
C ALA B 121 -7.66 -25.89 18.11
N ALA B 122 -6.60 -25.30 18.66
CA ALA B 122 -5.72 -25.99 19.62
C ALA B 122 -6.45 -26.29 20.92
N LEU B 123 -7.25 -25.35 21.43
CA LEU B 123 -7.82 -25.53 22.74
C LEU B 123 -8.93 -26.63 22.70
N ILE B 124 -9.65 -26.75 21.61
CA ILE B 124 -10.70 -27.78 21.56
C ILE B 124 -10.06 -29.15 21.46
N ALA B 125 -8.92 -29.21 20.75
CA ALA B 125 -8.16 -30.44 20.53
C ALA B 125 -7.51 -30.91 21.80
N MET B 126 -7.10 -29.94 22.61
CA MET B 126 -6.45 -30.19 23.86
C MET B 126 -7.42 -30.52 25.04
N ASP B 127 -8.74 -30.41 24.84
CA ASP B 127 -9.69 -30.46 26.01
C ASP B 127 -9.27 -29.47 27.10
N ALA B 128 -8.84 -28.28 26.65
CA ALA B 128 -8.55 -27.17 27.53
C ALA B 128 -9.70 -26.88 28.49
N LYS B 129 -9.36 -26.33 29.67
CA LYS B 129 -10.37 -25.75 30.58
C LYS B 129 -10.10 -24.28 30.96
N VAL B 130 -11.18 -23.58 31.27
CA VAL B 130 -11.24 -22.13 31.51
C VAL B 130 -11.64 -21.91 32.96
N LYS B 131 -10.71 -21.36 33.76
CA LYS B 131 -11.05 -20.93 35.12
C LYS B 131 -11.65 -19.54 34.99
N ILE B 132 -12.87 -19.38 35.51
CA ILE B 132 -13.63 -18.14 35.50
C ILE B 132 -13.72 -17.63 36.93
N THR B 133 -13.33 -16.38 37.17
CA THR B 133 -13.40 -15.82 38.50
C THR B 133 -14.45 -14.75 38.71
N SER B 134 -14.99 -14.75 39.91
CA SER B 134 -16.10 -13.94 40.36
C SER B 134 -15.70 -13.45 41.74
N ARG B 135 -16.42 -12.46 42.28
CA ARG B 135 -16.28 -12.10 43.71
C ARG B 135 -16.80 -13.30 44.52
N LYS B 136 -17.83 -13.92 43.95
CA LYS B 136 -18.37 -15.20 44.37
C LYS B 136 -17.37 -16.42 44.39
N GLY B 137 -16.18 -16.34 43.82
CA GLY B 137 -15.19 -17.48 43.76
C GLY B 137 -14.88 -17.92 42.32
N ASP B 138 -14.40 -19.15 42.14
CA ASP B 138 -14.03 -19.71 40.81
C ASP B 138 -14.93 -20.83 40.23
N ARG B 139 -15.24 -20.75 38.94
CA ARG B 139 -15.90 -21.86 38.18
C ARG B 139 -14.94 -22.35 37.07
N VAL B 140 -14.72 -23.67 37.01
CA VAL B 140 -13.88 -24.26 35.96
C VAL B 140 -14.84 -24.94 35.01
N VAL B 141 -14.74 -24.62 33.73
CA VAL B 141 -15.61 -25.21 32.72
C VAL B 141 -14.73 -25.76 31.60
N ASN B 142 -15.30 -26.60 30.75
CA ASN B 142 -14.60 -27.19 29.60
C ASN B 142 -14.62 -26.18 28.48
N PHE B 143 -13.49 -26.10 27.75
CA PHE B 143 -13.42 -25.11 26.66
C PHE B 143 -14.66 -25.26 25.79
N LYS B 144 -15.11 -26.50 25.57
CA LYS B 144 -16.23 -26.73 24.65
C LYS B 144 -17.51 -26.04 25.05
N SER B 145 -17.77 -26.02 26.35
CA SER B 145 -18.98 -25.41 26.88
C SER B 145 -18.83 -23.90 27.03
N PHE B 146 -17.58 -23.43 27.21
CA PHE B 146 -17.31 -22.00 27.37
C PHE B 146 -17.65 -21.24 26.08
N ALA B 147 -17.36 -21.87 24.96
CA ALA B 147 -17.57 -21.27 23.67
C ALA B 147 -19.00 -21.47 23.19
N LYS B 148 -19.92 -20.71 23.79
CA LYS B 148 -21.35 -20.84 23.48
C LYS B 148 -21.75 -20.56 22.02
N ASP B 149 -21.07 -19.63 21.33
CA ASP B 149 -21.40 -19.32 19.91
C ASP B 149 -20.34 -18.29 19.44
N MET B 150 -20.24 -17.97 18.15
CA MET B 150 -19.35 -16.89 17.73
C MET B 150 -19.56 -15.69 18.67
N PHE B 151 -18.45 -15.15 19.19
CA PHE B 151 -18.42 -13.91 19.98
C PHE B 151 -19.22 -14.04 21.27
N THR B 152 -19.58 -15.28 21.63
CA THR B 152 -20.48 -15.48 22.79
C THR B 152 -19.86 -16.46 23.80
N PRO B 153 -18.98 -15.94 24.69
CA PRO B 153 -18.38 -16.73 25.77
C PRO B 153 -19.38 -16.96 26.90
N ASP B 154 -19.10 -17.93 27.76
CA ASP B 154 -19.93 -18.27 28.93
C ASP B 154 -19.42 -17.45 30.10
N LEU B 155 -19.76 -16.16 30.04
CA LEU B 155 -19.28 -15.19 31.01
C LEU B 155 -20.44 -14.32 31.39
N ASN B 156 -20.59 -14.13 32.69
CA ASN B 156 -21.66 -13.29 33.20
C ASN B 156 -21.11 -11.93 33.61
N PRO B 157 -21.97 -10.90 33.65
CA PRO B 157 -21.49 -9.63 34.21
C PRO B 157 -20.94 -9.90 35.60
N GLY B 158 -19.79 -9.31 35.92
CA GLY B 158 -19.07 -9.64 37.15
C GLY B 158 -17.90 -10.62 37.00
N GLU B 159 -17.77 -11.32 35.87
CA GLU B 159 -16.66 -12.32 35.87
C GLU B 159 -15.57 -12.18 34.82
N LEU B 160 -14.36 -12.63 35.17
CA LEU B 160 -13.26 -12.66 34.27
C LEU B 160 -12.64 -14.05 34.16
N VAL B 161 -12.27 -14.45 32.95
CA VAL B 161 -11.26 -15.49 32.77
C VAL B 161 -9.96 -15.16 33.50
N THR B 162 -9.50 -16.08 34.34
CA THR B 162 -8.25 -15.83 35.01
C THR B 162 -7.16 -16.82 34.60
N GLU B 163 -7.60 -17.96 34.03
CA GLU B 163 -6.67 -19.09 33.77
C GLU B 163 -7.17 -20.05 32.71
N ILE B 164 -6.24 -20.49 31.90
CA ILE B 164 -6.50 -21.54 30.94
C ILE B 164 -5.65 -22.72 31.38
N GLN B 165 -6.30 -23.90 31.43
CA GLN B 165 -5.64 -25.22 31.74
C GLN B 165 -5.68 -26.21 30.58
N VAL B 166 -4.55 -26.84 30.35
CA VAL B 166 -4.41 -27.85 29.29
C VAL B 166 -3.53 -29.00 29.85
N PRO B 167 -3.74 -30.25 29.37
CA PRO B 167 -2.83 -31.34 29.74
C PRO B 167 -1.43 -31.05 29.18
N THR B 168 -0.41 -31.74 29.66
CA THR B 168 0.96 -31.45 29.24
C THR B 168 1.44 -32.10 27.95
N PHE B 169 0.68 -33.10 27.48
CA PHE B 169 0.94 -33.84 26.20
C PHE B 169 2.38 -34.22 25.96
N GLU B 170 3.07 -34.73 26.98
CA GLU B 170 4.49 -35.14 26.80
C GLU B 170 4.62 -36.33 25.83
N GLY B 171 5.68 -36.32 25.03
CA GLY B 171 5.84 -37.28 23.94
C GLY B 171 4.84 -37.19 22.74
N TYR B 172 3.89 -36.24 22.79
CA TYR B 172 2.96 -36.09 21.68
C TYR B 172 3.62 -35.41 20.52
N LYS B 173 3.14 -35.70 19.31
CA LYS B 173 3.56 -34.98 18.09
C LYS B 173 2.44 -34.00 17.77
N PHE B 174 2.71 -32.94 17.00
CA PHE B 174 1.69 -31.84 16.83
C PHE B 174 2.03 -31.03 15.60
N SER B 175 1.01 -30.34 15.11
CA SER B 175 1.14 -29.40 14.00
C SER B 175 -0.05 -28.43 14.03
N TYR B 176 0.20 -27.12 13.81
CA TYR B 176 -0.91 -26.19 13.54
C TYR B 176 -0.73 -25.79 12.11
N GLN B 177 -1.76 -26.00 11.30
CA GLN B 177 -1.75 -25.58 9.86
C GLN B 177 -2.71 -24.40 9.73
N LYS B 178 -2.20 -23.30 9.18
CA LYS B 178 -2.99 -22.12 9.07
C LYS B 178 -2.99 -21.72 7.62
N LEU B 179 -4.16 -21.71 7.01
CA LEU B 179 -4.25 -21.20 5.64
C LEU B 179 -4.56 -19.70 5.69
N GLU B 180 -3.77 -18.94 4.91
CA GLU B 180 -3.85 -17.47 4.90
C GLU B 180 -3.40 -16.89 3.56
N ARG B 181 -4.09 -15.84 3.16
CA ARG B 181 -3.70 -15.16 1.96
C ARG B 181 -2.41 -14.38 2.16
N ARG B 182 -2.26 -13.76 3.34
CA ARG B 182 -1.07 -12.97 3.62
C ARG B 182 -0.66 -13.21 5.05
N ALA B 183 0.65 -13.15 5.29
CA ALA B 183 1.23 -13.23 6.66
C ALA B 183 0.55 -12.13 7.45
N GLY B 184 0.18 -12.43 8.69
CA GLY B 184 -0.55 -11.50 9.50
C GLY B 184 -2.07 -11.64 9.53
N ASP B 185 -2.68 -12.29 8.53
CA ASP B 185 -4.16 -12.39 8.46
C ASP B 185 -4.65 -13.40 9.50
N PHE B 186 -5.95 -13.32 9.86
CA PHE B 186 -6.69 -14.39 10.50
C PHE B 186 -6.75 -15.64 9.57
N ALA B 187 -7.00 -16.79 10.17
CA ALA B 187 -7.15 -18.04 9.38
C ALA B 187 -8.31 -18.03 8.39
N ILE B 188 -8.03 -18.41 7.13
CA ILE B 188 -9.06 -18.81 6.17
C ILE B 188 -9.55 -20.22 6.61
N VAL B 189 -8.61 -21.11 6.88
CA VAL B 189 -8.87 -22.41 7.53
C VAL B 189 -7.73 -22.66 8.54
N GLY B 190 -8.05 -23.12 9.73
CA GLY B 190 -7.01 -23.57 10.65
C GLY B 190 -7.23 -24.99 11.14
N VAL B 191 -6.16 -25.82 11.10
CA VAL B 191 -6.24 -27.21 11.61
C VAL B 191 -5.11 -27.47 12.62
N ALA B 192 -5.52 -27.77 13.85
CA ALA B 192 -4.62 -28.10 14.94
C ALA B 192 -4.62 -29.59 15.27
N LEU B 193 -3.44 -30.20 15.22
CA LEU B 193 -3.36 -31.64 15.44
C LEU B 193 -2.46 -31.95 16.65
N LEU B 194 -2.94 -32.89 17.46
CA LEU B 194 -2.11 -33.61 18.44
C LEU B 194 -2.28 -35.12 18.30
N LEU B 195 -1.17 -35.84 18.32
CA LEU B 195 -1.23 -37.31 18.35
C LEU B 195 -0.01 -37.85 19.07
N LYS B 196 -0.19 -39.07 19.56
CA LYS B 196 0.88 -39.83 20.20
C LYS B 196 0.90 -41.26 19.69
N LEU B 197 2.11 -41.70 19.43
CA LEU B 197 2.42 -43.01 18.85
C LEU B 197 2.75 -43.99 19.98
N SER B 198 2.18 -45.20 19.90
CA SER B 198 2.72 -46.33 20.67
C SER B 198 3.15 -47.32 19.61
N GLY B 199 4.46 -47.40 19.38
CA GLY B 199 5.04 -48.14 18.29
C GLY B 199 4.66 -47.39 17.02
N ASP B 200 3.99 -48.04 16.05
CA ASP B 200 3.48 -47.37 14.89
C ASP B 200 1.96 -47.29 14.91
N VAL B 201 1.38 -47.48 16.09
CA VAL B 201 -0.04 -47.28 16.28
C VAL B 201 -0.35 -45.87 16.84
N ILE B 202 -1.40 -45.27 16.32
CA ILE B 202 -1.86 -43.99 16.79
C ILE B 202 -2.68 -44.29 18.03
N GLU B 203 -2.00 -44.16 19.16
CA GLU B 203 -2.53 -44.29 20.52
C GLU B 203 -3.59 -43.19 20.90
N ASP B 204 -3.28 -41.92 20.66
CA ASP B 204 -4.30 -40.82 20.85
C ASP B 204 -4.19 -39.89 19.63
N VAL B 205 -5.31 -39.34 19.19
CA VAL B 205 -5.28 -38.33 18.15
C VAL B 205 -6.34 -37.25 18.44
N ARG B 206 -5.99 -35.98 18.26
CA ARG B 206 -6.96 -34.89 18.44
C ARG B 206 -6.82 -33.89 17.32
N ILE B 207 -7.95 -33.56 16.71
CA ILE B 207 -7.97 -32.65 15.57
C ILE B 207 -8.97 -31.50 15.77
N GLY B 208 -8.45 -30.25 15.80
CA GLY B 208 -9.35 -29.09 15.98
C GLY B 208 -9.46 -28.25 14.72
N LEU B 209 -10.68 -27.79 14.43
CA LEU B 209 -10.91 -26.98 13.28
C LEU B 209 -11.43 -25.60 13.71
N THR B 210 -10.76 -24.61 13.17
CA THR B 210 -11.20 -23.24 13.32
C THR B 210 -11.44 -22.60 11.94
N ALA B 211 -12.22 -21.53 12.00
CA ALA B 211 -12.63 -20.66 10.87
C ALA B 211 -13.59 -21.30 9.91
N VAL B 212 -14.10 -22.49 10.28
CA VAL B 212 -14.99 -23.25 9.39
C VAL B 212 -16.36 -23.59 10.02
N ASN B 213 -16.64 -22.99 11.19
CA ASN B 213 -17.91 -23.13 11.91
C ASN B 213 -18.05 -21.88 12.77
N ASN B 214 -19.16 -21.74 13.49
CA ASN B 214 -19.39 -20.59 14.37
C ASN B 214 -18.49 -20.65 15.58
N VAL B 215 -18.17 -21.88 16.02
CA VAL B 215 -17.17 -22.11 17.09
C VAL B 215 -16.25 -23.23 16.64
N ALA B 216 -15.13 -23.43 17.34
CA ALA B 216 -14.16 -24.50 16.98
C ALA B 216 -14.79 -25.88 17.22
N VAL B 217 -14.50 -26.86 16.35
CA VAL B 217 -14.96 -28.25 16.56
C VAL B 217 -13.84 -29.29 16.45
N ARG B 218 -14.10 -30.46 17.00
CA ARG B 218 -13.23 -31.62 16.82
C ARG B 218 -13.48 -32.28 15.46
N ALA B 219 -12.47 -32.70 14.72
CA ALA B 219 -12.77 -33.36 13.45
C ALA B 219 -12.99 -34.87 13.76
N LYS B 220 -14.13 -35.15 14.40
CA LYS B 220 -14.56 -36.46 14.94
C LYS B 220 -14.33 -37.64 13.97
N GLY B 221 -14.66 -37.41 12.71
CA GLY B 221 -14.56 -38.43 11.67
C GLY B 221 -13.12 -38.68 11.30
N ALA B 222 -12.31 -37.64 11.31
CA ALA B 222 -10.90 -37.82 10.99
C ALA B 222 -10.24 -38.57 12.15
N GLU B 223 -10.71 -38.26 13.35
CA GLU B 223 -10.25 -38.96 14.55
C GLU B 223 -10.54 -40.47 14.59
N GLU B 224 -11.82 -40.84 14.49
CA GLU B 224 -12.26 -42.23 14.22
C GLU B 224 -11.37 -42.96 13.21
N GLU B 225 -11.13 -42.37 12.06
CA GLU B 225 -10.28 -42.98 11.04
C GLU B 225 -8.83 -43.27 11.45
N LEU B 226 -8.31 -42.58 12.48
CA LEU B 226 -6.89 -42.73 12.74
C LEU B 226 -6.65 -43.43 14.05
N LEU B 227 -7.60 -43.30 14.95
CA LEU B 227 -7.40 -43.72 16.32
C LEU B 227 -7.18 -45.24 16.44
N GLY B 228 -6.06 -45.62 17.05
CA GLY B 228 -5.75 -47.02 17.30
C GLY B 228 -5.16 -47.73 16.09
N LYS B 229 -5.15 -47.07 14.92
CA LYS B 229 -4.66 -47.71 13.70
C LYS B 229 -3.19 -47.53 13.48
N ARG B 230 -2.62 -48.40 12.66
CA ARG B 230 -1.24 -48.31 12.24
C ARG B 230 -1.21 -47.40 11.04
N LEU B 231 -0.29 -46.46 11.03
CA LEU B 231 -0.21 -45.43 10.00
C LEU B 231 0.22 -45.97 8.64
N ASN B 232 -0.54 -45.67 7.61
CA ASN B 232 -0.07 -45.79 6.21
C ASN B 232 -0.76 -44.72 5.36
N ASP B 233 -0.33 -44.58 4.10
CA ASP B 233 -0.89 -43.61 3.14
C ASP B 233 -2.41 -43.55 3.01
N GLU B 234 -3.06 -44.70 3.20
CA GLU B 234 -4.46 -44.91 2.87
C GLU B 234 -5.38 -44.32 3.89
N ILE B 235 -5.05 -44.53 5.16
CA ILE B 235 -5.88 -44.10 6.28
C ILE B 235 -5.77 -42.58 6.52
N ILE B 236 -4.58 -42.03 6.23
CA ILE B 236 -4.25 -40.61 6.30
C ILE B 236 -5.17 -39.87 5.28
N GLU B 237 -5.12 -40.36 4.04
CA GLU B 237 -5.96 -39.89 2.95
C GLU B 237 -7.46 -39.97 3.35
N LYS B 238 -7.83 -41.07 3.99
CA LYS B 238 -9.21 -41.25 4.41
C LYS B 238 -9.57 -40.30 5.55
N ALA B 239 -8.67 -40.13 6.53
CA ALA B 239 -8.93 -39.25 7.68
C ALA B 239 -9.06 -37.82 7.20
N ALA B 240 -8.18 -37.43 6.29
CA ALA B 240 -8.15 -36.06 5.73
C ALA B 240 -9.52 -35.77 5.05
N THR B 241 -9.99 -36.76 4.28
CA THR B 241 -11.38 -36.75 3.72
C THR B 241 -12.42 -36.58 4.80
N ARG B 242 -12.33 -37.34 5.87
CA ARG B 242 -13.44 -37.32 6.85
C ARG B 242 -13.48 -36.08 7.71
N ALA B 243 -12.36 -35.35 7.75
CA ALA B 243 -12.30 -34.06 8.47
C ALA B 243 -13.34 -33.05 7.87
N MET B 244 -13.58 -33.10 6.54
CA MET B 244 -14.61 -32.30 5.85
C MET B 244 -16.01 -32.46 6.42
N GLU B 245 -16.26 -33.59 7.09
CA GLU B 245 -17.57 -33.84 7.69
C GLU B 245 -17.85 -32.89 8.82
N SER B 246 -16.80 -32.43 9.51
CA SER B 246 -17.02 -31.49 10.63
C SER B 246 -17.04 -29.99 10.24
N ALA B 247 -16.80 -29.69 8.94
CA ALA B 247 -16.68 -28.28 8.48
C ALA B 247 -18.01 -27.77 7.93
N ASN B 248 -18.54 -26.71 8.53
CA ASN B 248 -19.74 -26.03 8.04
C ASN B 248 -19.41 -24.56 7.64
N PRO B 249 -18.47 -24.33 6.67
CA PRO B 249 -17.97 -22.97 6.42
C PRO B 249 -18.90 -22.02 5.64
N THR B 250 -18.48 -20.75 5.46
CA THR B 250 -19.27 -19.62 5.01
C THR B 250 -18.52 -19.01 3.85
N SER B 251 -19.23 -18.62 2.77
CA SER B 251 -18.58 -18.07 1.57
C SER B 251 -18.05 -16.63 1.70
N GLY B 255 -12.55 -16.77 1.01
CA GLY B 255 -13.04 -17.66 -0.09
C GLY B 255 -14.44 -18.37 -0.06
N SER B 256 -14.75 -19.15 -1.09
CA SER B 256 -15.99 -19.99 -1.14
C SER B 256 -16.18 -20.95 0.06
N ALA B 257 -17.41 -21.24 0.47
CA ALA B 257 -17.67 -22.33 1.44
C ALA B 257 -17.16 -23.68 0.91
N GLU B 258 -17.29 -23.90 -0.38
CA GLU B 258 -16.84 -25.13 -0.98
C GLU B 258 -15.31 -25.29 -1.01
N TYR B 259 -14.63 -24.19 -1.32
CA TYR B 259 -13.19 -24.17 -1.33
C TYR B 259 -12.62 -24.45 0.07
N LYS B 260 -13.26 -23.85 1.08
CA LYS B 260 -12.85 -23.95 2.45
C LYS B 260 -12.97 -25.40 2.96
N LYS B 261 -14.10 -26.04 2.64
CA LYS B 261 -14.36 -27.43 3.00
C LYS B 261 -13.26 -28.32 2.39
N LYS B 262 -12.97 -28.15 1.11
CA LYS B 262 -11.87 -28.82 0.44
C LYS B 262 -10.54 -28.54 1.11
N MET B 263 -10.31 -27.29 1.53
CA MET B 263 -9.08 -26.98 2.26
C MET B 263 -8.98 -27.67 3.61
N VAL B 264 -10.10 -28.04 4.23
CA VAL B 264 -10.01 -28.78 5.49
C VAL B 264 -9.23 -30.11 5.24
N LYS B 265 -9.54 -30.77 4.12
CA LYS B 265 -8.87 -32.00 3.79
C LYS B 265 -7.39 -31.76 3.54
N VAL B 266 -7.06 -30.74 2.76
CA VAL B 266 -5.68 -30.43 2.43
C VAL B 266 -4.86 -30.18 3.73
N LEU B 267 -5.43 -29.40 4.68
CA LEU B 267 -4.70 -28.98 5.89
C LEU B 267 -4.60 -30.08 6.95
N THR B 268 -5.66 -30.88 7.12
CA THR B 268 -5.60 -32.13 7.90
C THR B 268 -4.48 -33.04 7.36
N LYS B 269 -4.43 -33.25 6.05
CA LYS B 269 -3.33 -34.09 5.54
C LYS B 269 -1.97 -33.48 5.88
N ARG B 270 -1.81 -32.15 5.66
CA ARG B 270 -0.51 -31.45 5.96
C ARG B 270 -0.19 -31.63 7.47
N ALA B 271 -1.21 -31.55 8.31
CA ALA B 271 -1.06 -31.65 9.79
C ALA B 271 -0.56 -33.05 10.23
N ILE B 272 -1.25 -34.11 9.76
CA ILE B 272 -0.83 -35.50 10.08
C ILE B 272 0.63 -35.68 9.64
N ILE B 273 0.91 -35.35 8.38
CA ILE B 273 2.25 -35.58 7.81
C ILE B 273 3.35 -34.75 8.49
N THR B 274 3.03 -33.50 8.80
CA THR B 274 3.98 -32.66 9.52
C THR B 274 4.22 -33.20 10.94
N ALA B 275 3.16 -33.49 11.71
CA ALA B 275 3.32 -33.99 13.08
C ALA B 275 4.11 -35.29 13.02
N LEU B 276 3.74 -36.23 12.11
CA LEU B 276 4.49 -37.51 11.96
C LEU B 276 5.96 -37.32 11.61
N LYS B 277 6.31 -36.29 10.87
CA LYS B 277 7.69 -36.16 10.49
C LYS B 277 8.45 -35.47 11.59
N MET C 1 -8.72 2.63 43.44
CA MET C 1 -9.73 2.60 42.34
C MET C 1 -9.90 3.99 41.73
N LYS C 2 -8.95 4.40 40.88
CA LYS C 2 -9.06 5.68 40.16
C LYS C 2 -10.12 5.51 39.05
N ILE C 3 -11.17 6.34 39.08
CA ILE C 3 -12.28 6.35 38.07
C ILE C 3 -12.30 7.71 37.34
N ILE C 4 -12.23 7.72 36.00
CA ILE C 4 -12.21 8.94 35.17
C ILE C 4 -13.43 8.89 34.28
N ASN C 5 -14.32 9.88 34.35
CA ASN C 5 -15.57 9.74 33.55
C ASN C 5 -15.30 10.28 32.14
N SER C 6 -16.26 10.09 31.22
CA SER C 6 -16.24 10.51 29.79
C SER C 6 -15.68 11.88 29.54
N ASP C 7 -15.99 12.79 30.46
CA ASP C 7 -15.81 14.22 30.30
C ASP C 7 -14.68 14.70 31.14
N GLN C 8 -13.83 13.80 31.62
CA GLN C 8 -12.64 14.27 32.26
C GLN C 8 -11.44 13.84 31.44
N LYS C 9 -10.28 14.38 31.80
CA LYS C 9 -8.99 13.97 31.30
C LYS C 9 -8.24 13.49 32.50
N VAL C 10 -7.19 12.72 32.32
CA VAL C 10 -6.36 12.25 33.43
C VAL C 10 -4.93 12.57 33.07
N LYS C 11 -4.17 13.02 34.04
CA LYS C 11 -2.76 13.29 33.83
C LYS C 11 -2.00 11.95 33.74
N ILE C 12 -1.13 11.84 32.77
CA ILE C 12 -0.34 10.67 32.53
C ILE C 12 1.08 11.15 32.36
N THR C 13 1.99 10.21 32.57
CA THR C 13 3.38 10.37 32.29
C THR C 13 3.84 9.31 31.29
N LEU C 14 4.66 9.75 30.35
CA LEU C 14 5.20 8.88 29.33
C LEU C 14 6.65 9.19 29.27
N LYS C 15 7.48 8.16 29.30
CA LYS C 15 8.88 8.40 29.18
C LYS C 15 9.24 8.05 27.70
N ILE C 16 9.64 9.04 26.92
CA ILE C 16 9.79 8.88 25.46
C ILE C 16 11.24 9.18 25.13
N ASN C 17 11.95 8.20 24.57
CA ASN C 17 13.33 8.37 24.20
C ASN C 17 14.17 8.94 25.35
N GLY C 18 13.89 8.52 26.57
CA GLY C 18 14.76 8.84 27.70
C GLY C 18 14.27 10.02 28.50
N GLU C 19 13.19 10.67 28.11
CA GLU C 19 12.83 11.94 28.71
C GLU C 19 11.44 11.78 29.15
N LYS C 20 11.01 12.48 30.20
CA LYS C 20 9.62 12.32 30.72
C LYS C 20 8.72 13.37 30.15
N TYR C 21 7.53 13.01 29.73
CA TYR C 21 6.51 14.03 29.32
C TYR C 21 5.31 13.77 30.16
N GLU C 22 4.47 14.78 30.33
CA GLU C 22 3.42 14.75 31.27
C GLU C 22 2.30 15.45 30.51
N THR C 23 1.10 14.89 30.46
CA THR C 23 0.02 15.50 29.65
C THR C 23 -1.30 15.03 30.21
N GLU C 24 -2.40 15.58 29.78
CA GLU C 24 -3.71 15.20 30.32
C GLU C 24 -4.44 14.68 29.10
N VAL C 25 -5.10 13.53 29.22
CA VAL C 25 -5.82 12.92 28.09
C VAL C 25 -7.21 12.45 28.52
N GLU C 26 -8.22 12.54 27.64
CA GLU C 26 -9.44 11.77 27.73
C GLU C 26 -9.04 10.28 27.59
N PRO C 27 -9.83 9.37 28.21
CA PRO C 27 -9.59 7.91 28.13
C PRO C 27 -9.57 7.33 26.70
N ARG C 28 -10.36 7.92 25.80
CA ARG C 28 -10.53 7.38 24.48
C ARG C 28 -9.38 7.76 23.54
N ARG C 29 -8.43 8.58 23.98
CA ARG C 29 -7.44 9.06 23.08
C ARG C 29 -6.41 7.96 22.88
N LEU C 30 -6.07 7.72 21.62
CA LEU C 30 -5.08 6.74 21.23
C LEU C 30 -3.68 7.22 21.46
N LEU C 31 -2.80 6.28 21.85
CA LEU C 31 -1.44 6.61 22.12
C LEU C 31 -0.76 7.24 20.86
N VAL C 32 -1.04 6.73 19.67
CA VAL C 32 -0.50 7.29 18.49
C VAL C 32 -0.71 8.86 18.37
N HIS C 33 -1.91 9.38 18.68
CA HIS C 33 -2.16 10.82 18.58
C HIS C 33 -1.42 11.56 19.67
N VAL C 34 -1.32 10.96 20.83
CA VAL C 34 -0.63 11.67 21.94
C VAL C 34 0.85 11.80 21.62
N LEU C 35 1.47 10.70 21.15
CA LEU C 35 2.89 10.75 20.79
C LEU C 35 3.13 11.88 19.76
N ARG C 36 2.24 11.92 18.78
CA ARG C 36 2.39 12.95 17.71
C ARG C 36 2.17 14.36 18.26
N GLU C 37 1.11 14.54 19.06
CA GLU C 37 0.81 15.79 19.74
C GLU C 37 1.96 16.28 20.67
N LEU C 38 2.74 15.36 21.22
CA LEU C 38 3.97 15.68 21.98
C LEU C 38 5.16 15.93 21.08
N GLY C 39 4.98 15.90 19.76
CA GLY C 39 6.10 16.30 18.89
C GLY C 39 6.77 15.15 18.17
N PHE C 40 6.31 13.93 18.45
CA PHE C 40 6.91 12.72 17.82
C PHE C 40 6.18 12.41 16.49
N THR C 41 6.33 13.32 15.52
CA THR C 41 5.56 13.24 14.29
C THR C 41 6.12 12.19 13.30
N GLY C 42 7.28 11.59 13.58
CA GLY C 42 7.81 10.42 12.87
C GLY C 42 6.96 9.18 13.10
N VAL C 43 6.18 9.15 14.15
CA VAL C 43 5.22 8.07 14.33
C VAL C 43 4.01 8.41 13.44
N HIS C 44 3.66 7.48 12.54
CA HIS C 44 2.70 7.75 11.48
C HIS C 44 1.44 6.92 11.56
N ILE C 45 0.33 7.51 11.11
CA ILE C 45 -0.91 6.80 10.99
C ILE C 45 -1.16 6.39 9.54
N GLY C 46 -1.08 5.11 9.24
CA GLY C 46 -1.30 4.71 7.84
C GLY C 46 -2.66 4.05 7.64
N CYS C 47 -3.33 3.71 8.74
CA CYS C 47 -4.61 2.96 8.62
C CYS C 47 -5.46 3.15 9.84
N ASP C 48 -6.66 2.56 9.83
CA ASP C 48 -7.62 2.72 10.95
C ASP C 48 -7.99 1.38 11.59
N THR C 49 -7.35 0.29 11.13
CA THR C 49 -7.68 -1.09 11.60
C THR C 49 -6.47 -1.93 12.11
N SER C 50 -5.34 -1.29 12.44
CA SER C 50 -4.19 -1.99 13.08
C SER C 50 -3.36 -2.91 12.14
N ASN C 51 -3.52 -2.75 10.81
CA ASN C 51 -2.78 -3.59 9.81
C ASN C 51 -1.39 -3.12 9.37
N CYS C 52 -1.23 -1.80 9.27
CA CYS C 52 -0.10 -1.28 8.50
C CYS C 52 1.23 -1.17 9.23
N GLY C 53 1.20 -0.96 10.55
CA GLY C 53 2.43 -0.85 11.36
C GLY C 53 3.12 0.52 11.27
N ALA C 54 2.54 1.48 10.55
CA ALA C 54 3.31 2.75 10.36
C ALA C 54 3.46 3.47 11.72
N CYS C 55 2.61 3.10 12.65
CA CYS C 55 2.60 3.70 14.00
C CYS C 55 3.44 2.91 15.04
N THR C 56 4.25 1.95 14.59
CA THR C 56 5.04 1.07 15.52
C THR C 56 6.09 1.84 16.33
N VAL C 57 6.05 1.65 17.65
CA VAL C 57 7.07 2.17 18.57
C VAL C 57 7.46 1.02 19.56
N ILE C 58 8.59 1.15 20.26
CA ILE C 58 8.94 0.19 21.30
C ILE C 58 8.36 0.69 22.60
N MET C 59 7.45 -0.07 23.21
CA MET C 59 6.88 0.20 24.47
C MET C 59 7.36 -0.89 25.47
N ASN C 60 8.20 -0.47 26.43
CA ASN C 60 8.77 -1.31 27.46
C ASN C 60 9.53 -2.45 26.83
N GLY C 61 10.34 -2.21 25.83
CA GLY C 61 10.99 -3.31 25.15
C GLY C 61 10.22 -4.08 24.06
N LYS C 62 8.92 -3.85 23.92
CA LYS C 62 8.08 -4.56 22.93
C LYS C 62 7.71 -3.71 21.74
N SER C 63 7.89 -4.22 20.51
CA SER C 63 7.27 -3.48 19.37
C SER C 63 5.74 -3.55 19.47
N VAL C 64 5.07 -2.40 19.38
CA VAL C 64 3.58 -2.32 19.47
C VAL C 64 3.10 -1.29 18.46
N LYS C 65 1.87 -1.51 18.01
CA LYS C 65 1.20 -0.56 17.13
C LYS C 65 0.52 0.43 18.02
N SER C 66 1.08 1.62 18.10
CA SER C 66 0.62 2.66 19.08
C SER C 66 -0.80 3.15 18.76
N CYS C 67 -1.30 2.86 17.56
CA CYS C 67 -2.73 3.16 17.21
C CYS C 67 -3.71 2.22 17.90
N THR C 68 -3.18 1.22 18.59
CA THR C 68 -4.06 0.19 19.18
C THR C 68 -3.81 0.10 20.68
N VAL C 69 -3.42 1.23 21.28
CA VAL C 69 -3.14 1.34 22.71
C VAL C 69 -3.74 2.71 23.07
N LEU C 70 -4.48 2.78 24.17
CA LEU C 70 -4.99 4.07 24.65
C LEU C 70 -3.87 4.78 25.34
N ALA C 71 -3.85 6.11 25.26
CA ALA C 71 -2.72 6.83 25.85
C ALA C 71 -2.74 6.62 27.35
N VAL C 72 -3.94 6.63 27.95
CA VAL C 72 -4.04 6.38 29.41
C VAL C 72 -3.45 5.00 29.78
N GLU C 73 -3.73 3.99 28.94
CA GLU C 73 -3.20 2.65 29.11
C GLU C 73 -1.70 2.64 29.11
N ALA C 74 -1.07 3.55 28.36
CA ALA C 74 0.40 3.60 28.38
C ALA C 74 1.02 4.36 29.56
N ASP C 75 0.20 4.82 30.50
CA ASP C 75 0.73 5.62 31.63
C ASP C 75 1.89 4.90 32.32
N GLY C 76 3.01 5.60 32.45
CA GLY C 76 4.19 5.08 33.13
C GLY C 76 5.11 4.29 32.20
N ALA C 77 4.78 4.13 30.92
CA ALA C 77 5.60 3.27 30.01
C ALA C 77 6.86 3.98 29.53
N GLU C 78 7.91 3.24 29.18
CA GLU C 78 9.07 3.75 28.39
C GLU C 78 8.90 3.40 26.91
N ILE C 79 9.04 4.41 26.06
CA ILE C 79 8.69 4.34 24.66
C ILE C 79 9.89 4.85 23.89
N LEU C 80 10.31 4.08 22.89
CA LEU C 80 11.32 4.52 21.95
C LEU C 80 10.63 4.70 20.59
N THR C 81 10.93 5.82 19.92
CA THR C 81 10.43 6.14 18.61
C THR C 81 11.69 6.31 17.76
N VAL C 82 11.50 6.41 16.45
CA VAL C 82 12.67 6.46 15.59
C VAL C 82 13.59 7.64 15.89
N GLU C 83 12.94 8.75 16.33
CA GLU C 83 13.62 9.99 16.70
C GLU C 83 14.67 9.68 17.78
N GLY C 84 14.53 8.58 18.53
CA GLY C 84 15.51 8.24 19.58
C GLY C 84 16.57 7.21 19.24
N LEU C 85 16.68 6.78 17.98
CA LEU C 85 17.75 5.81 17.65
C LEU C 85 19.13 6.45 17.50
N ALA C 86 19.20 7.61 16.84
CA ALA C 86 20.50 8.19 16.53
C ALA C 86 21.03 8.82 17.84
N LYS C 87 22.28 8.57 18.14
CA LYS C 87 22.94 9.19 19.29
C LYS C 87 23.79 10.34 18.74
N ASP C 88 23.53 11.54 19.28
CA ASP C 88 24.23 12.79 18.93
C ASP C 88 24.45 12.98 17.41
N GLY C 89 23.44 12.59 16.60
CA GLY C 89 23.54 12.61 15.12
C GLY C 89 24.29 11.50 14.38
N LYS C 90 24.96 10.58 15.09
CA LYS C 90 25.46 9.35 14.45
C LYS C 90 24.31 8.37 14.24
N LEU C 91 24.11 7.90 13.03
CA LEU C 91 22.97 7.05 12.72
C LEU C 91 23.15 5.71 13.40
N HIS C 92 22.07 5.19 13.98
CA HIS C 92 22.03 3.80 14.38
C HIS C 92 22.29 2.88 13.16
N PRO C 93 22.98 1.74 13.38
CA PRO C 93 23.33 0.95 12.17
C PRO C 93 22.14 0.52 11.25
N ILE C 94 20.95 0.33 11.81
CA ILE C 94 19.73 0.04 11.00
C ILE C 94 19.43 1.24 10.06
N GLN C 95 19.52 2.47 10.59
CA GLN C 95 19.32 3.70 9.81
C GLN C 95 20.34 3.78 8.68
N GLU C 96 21.60 3.59 9.06
CA GLU C 96 22.70 3.59 8.07
C GLU C 96 22.49 2.58 6.89
N ALA C 97 22.12 1.36 7.27
CA ALA C 97 21.90 0.30 6.36
C ALA C 97 20.64 0.60 5.49
N PHE C 98 19.60 1.23 6.04
CA PHE C 98 18.42 1.59 5.18
C PHE C 98 18.90 2.55 4.11
N TRP C 99 19.71 3.52 4.50
CA TRP C 99 20.30 4.46 3.53
C TRP C 99 21.21 3.82 2.49
N GLU C 100 22.12 2.96 2.94
CA GLU C 100 23.08 2.31 2.03
C GLU C 100 22.35 1.41 1.07
N ASN C 101 21.30 0.76 1.53
CA ASN C 101 20.65 -0.18 0.63
C ASN C 101 19.39 0.37 -0.10
N HIS C 102 19.12 1.66 0.07
CA HIS C 102 17.93 2.31 -0.58
C HIS C 102 16.62 1.59 -0.15
N ALA C 103 16.43 1.46 1.17
CA ALA C 103 15.30 0.71 1.69
C ALA C 103 14.08 1.65 1.97
N LEU C 104 14.09 2.85 1.41
CA LEU C 104 12.95 3.79 1.61
C LEU C 104 12.79 4.69 0.41
N GLN C 105 11.54 5.01 0.13
CA GLN C 105 11.20 5.95 -0.94
C GLN C 105 10.46 7.17 -0.39
N CYS C 106 9.12 7.06 -0.25
CA CYS C 106 8.35 8.16 0.30
C CYS C 106 8.69 8.35 1.78
N GLY C 107 9.13 7.27 2.46
CA GLY C 107 9.67 7.43 3.86
C GLY C 107 8.60 7.28 4.91
N TYR C 108 7.37 7.01 4.49
CA TYR C 108 6.27 7.14 5.46
C TYR C 108 6.14 5.88 6.33
N CYS C 109 6.45 4.69 5.78
CA CYS C 109 6.46 3.47 6.59
C CYS C 109 7.79 3.38 7.41
N THR C 110 8.77 4.17 7.02
CA THR C 110 10.15 4.00 7.48
C THR C 110 10.38 4.08 8.99
N PRO C 111 9.86 5.11 9.72
CA PRO C 111 10.01 5.03 11.18
C PRO C 111 9.47 3.74 11.85
N GLY C 112 8.29 3.31 11.44
CA GLY C 112 7.74 2.11 11.97
C GLY C 112 8.51 0.87 11.54
N MET C 113 8.99 0.87 10.31
CA MET C 113 9.66 -0.29 9.78
C MET C 113 11.03 -0.39 10.55
N ILE C 114 11.69 0.75 10.75
CA ILE C 114 12.99 0.76 11.47
C ILE C 114 12.83 0.30 12.93
N MET C 115 11.73 0.75 13.56
CA MET C 115 11.46 0.33 14.93
C MET C 115 11.18 -1.17 15.02
N GLU C 116 10.41 -1.72 14.07
CA GLU C 116 10.18 -3.17 14.07
C GLU C 116 11.51 -3.87 13.80
N ALA C 117 12.31 -3.43 12.85
CA ALA C 117 13.63 -3.99 12.60
C ALA C 117 14.55 -4.04 13.90
N TYR C 118 14.53 -2.95 14.68
CA TYR C 118 15.28 -2.77 15.91
C TYR C 118 14.87 -3.84 16.89
N TRP C 119 13.57 -3.96 17.08
CA TRP C 119 13.01 -5.00 17.90
C TRP C 119 13.39 -6.41 17.38
N LEU C 120 13.24 -6.60 16.07
CA LEU C 120 13.48 -7.91 15.46
C LEU C 120 14.93 -8.35 15.66
N LEU C 121 15.86 -7.44 15.45
CA LEU C 121 17.29 -7.75 15.55
C LEU C 121 17.75 -8.01 16.98
N ARG C 122 16.95 -7.58 17.96
CA ARG C 122 17.16 -7.85 19.38
C ARG C 122 16.53 -9.20 19.79
N GLU C 123 15.57 -9.69 19.03
CA GLU C 123 15.06 -11.04 19.21
C GLU C 123 16.10 -12.02 18.65
N LYS C 124 16.52 -11.80 17.41
CA LYS C 124 17.21 -12.72 16.57
C LYS C 124 18.37 -12.00 15.95
N PRO C 125 19.56 -12.15 16.53
CA PRO C 125 20.78 -11.52 16.06
C PRO C 125 21.19 -11.80 14.63
N ASN C 126 20.93 -13.01 14.14
CA ASN C 126 21.39 -13.34 12.81
C ASN C 126 20.23 -13.98 12.03
N PRO C 127 19.22 -13.18 11.62
CA PRO C 127 17.98 -13.85 11.14
C PRO C 127 18.10 -14.33 9.72
N THR C 128 17.38 -15.39 9.36
CA THR C 128 17.23 -15.71 7.91
C THR C 128 16.37 -14.67 7.19
N GLU C 129 16.51 -14.63 5.84
CA GLU C 129 15.63 -13.92 4.91
C GLU C 129 14.17 -14.14 5.27
N GLU C 130 13.84 -15.40 5.56
CA GLU C 130 12.50 -15.81 5.83
C GLU C 130 12.02 -15.26 7.15
N GLU C 131 12.89 -15.28 8.17
CA GLU C 131 12.56 -14.74 9.47
C GLU C 131 12.46 -13.21 9.46
N ILE C 132 13.25 -12.55 8.63
CA ILE C 132 13.17 -11.11 8.40
C ILE C 132 11.78 -10.74 7.85
N ARG C 133 11.44 -11.35 6.71
CA ARG C 133 10.12 -11.18 6.12
C ARG C 133 8.91 -11.44 7.06
N GLU C 134 8.87 -12.60 7.71
CA GLU C 134 7.94 -12.82 8.82
C GLU C 134 7.98 -11.72 9.89
N GLY C 135 9.20 -11.30 10.18
CA GLY C 135 9.48 -10.45 11.33
C GLY C 135 9.04 -9.01 11.05
N ILE C 136 8.73 -8.67 9.79
CA ILE C 136 8.24 -7.31 9.43
C ILE C 136 6.88 -7.38 8.72
N SER C 137 6.17 -8.49 8.92
CA SER C 137 4.97 -8.75 8.14
C SER C 137 3.81 -7.90 8.67
N GLY C 138 3.96 -7.32 9.87
CA GLY C 138 3.04 -6.29 10.39
C GLY C 138 3.30 -4.85 9.89
N ASN C 139 4.23 -4.69 8.96
CA ASN C 139 4.61 -3.37 8.53
C ASN C 139 4.49 -3.29 7.01
N LEU C 140 3.48 -2.56 6.57
CA LEU C 140 3.25 -2.50 5.11
C LEU C 140 4.03 -1.36 4.47
N CYS C 141 4.55 -1.64 3.28
CA CYS C 141 5.18 -0.60 2.50
C CYS C 141 4.66 -0.73 1.08
N ARG C 142 4.35 0.40 0.46
CA ARG C 142 3.70 0.37 -0.84
C ARG C 142 4.68 0.75 -1.91
N CYS C 143 5.77 1.40 -1.48
CA CYS C 143 6.73 1.92 -2.44
C CYS C 143 7.87 0.97 -2.87
N THR C 144 8.46 0.25 -1.92
CA THR C 144 9.81 -0.35 -2.14
C THR C 144 9.74 -1.74 -2.70
N GLY C 145 8.63 -2.47 -2.51
CA GLY C 145 8.61 -3.90 -2.81
C GLY C 145 9.44 -4.76 -1.86
N TYR C 146 9.83 -4.16 -0.72
CA TYR C 146 10.48 -4.84 0.40
C TYR C 146 11.92 -5.37 0.24
N GLN C 147 12.33 -5.74 -0.98
CA GLN C 147 13.61 -6.43 -1.21
C GLN C 147 14.82 -5.69 -0.58
N ASN C 148 14.93 -4.42 -0.87
CA ASN C 148 15.89 -3.55 -0.21
C ASN C 148 15.79 -3.40 1.31
N ILE C 149 14.56 -3.45 1.86
CA ILE C 149 14.33 -3.47 3.31
C ILE C 149 14.95 -4.77 3.89
N VAL C 150 14.61 -5.94 3.36
CA VAL C 150 15.27 -7.20 3.74
C VAL C 150 16.83 -7.06 3.63
N LYS C 151 17.35 -6.51 2.54
CA LYS C 151 18.80 -6.33 2.38
C LYS C 151 19.37 -5.49 3.50
N ALA C 152 18.70 -4.35 3.78
CA ALA C 152 19.14 -3.45 4.82
C ALA C 152 19.13 -4.12 6.21
N ILE C 153 18.11 -4.93 6.47
CA ILE C 153 18.03 -5.56 7.76
C ILE C 153 19.19 -6.61 7.96
N LYS C 154 19.56 -7.32 6.89
CA LYS C 154 20.62 -8.32 6.94
C LYS C 154 21.90 -7.55 7.11
N ALA C 155 22.09 -6.48 6.34
CA ALA C 155 23.34 -5.70 6.47
C ALA C 155 23.44 -5.16 7.91
N ALA C 156 22.30 -4.77 8.49
CA ALA C 156 22.31 -4.23 9.83
C ALA C 156 22.62 -5.33 10.88
N ALA C 157 22.13 -6.52 10.63
CA ALA C 157 22.32 -7.64 11.53
C ALA C 157 23.83 -7.91 11.58
N GLU C 158 24.49 -7.87 10.43
CA GLU C 158 25.91 -8.09 10.39
C GLU C 158 26.66 -6.95 11.03
N LYS C 159 26.33 -5.67 10.73
CA LYS C 159 26.89 -4.51 11.48
C LYS C 159 26.71 -4.70 12.97
N LEU C 160 25.64 -5.35 13.41
CA LEU C 160 25.34 -5.36 14.83
C LEU C 160 26.07 -6.50 15.62
N SER C 161 26.59 -7.54 14.94
CA SER C 161 27.52 -8.54 15.53
C SER C 161 28.98 -8.04 15.54
#